data_7EAJ
#
_entry.id   7EAJ
#
loop_
_entity.id
_entity.type
_entity.pdbx_description
1 polymer VP1
2 polymer VP0
3 polymer VP3
4 polymer 'heavy chain of 5G3 fab'
5 polymer 'light chain of 5G3 fab'
#
loop_
_entity_poly.entity_id
_entity_poly.type
_entity_poly.pdbx_seq_one_letter_code
_entity_poly.pdbx_strand_id
1 'polypeptide(L)'
;GDVEEAIDRAVARVADTMPTGPRNTESVPALTAVETGHTSQVVPGDTMQTRHVKNYHSRTESSIENFLCRAACVYIATYK
SAGGTPTERYASWRINTRQMVQLRRKFELFTYLRFDMEITFVITSTQDPGTQLAQDMPVLTHQIMYIPPGGPVPNSATDF
AWQSSTNPSIFWTEGCAPARMSVPFISIGNAYSNFYDGWSHFTQEGVYGFNSLNNMGHIYVRHVNEQSLGVSTSTLRVYF
KPKHVRAWVPRPPRLSPYVKSSNVNFKPTAVTTERKDINDVGTLRPVGYTNH
;
1
2 'polypeptide(L)'
;GAQVSTQKTGAHETSLTASGNSTIHYTNINYYKDAASNSANRQDFTQDPSKFTEPMKDVMIKSLPALNSPTVEECGFSDR
VRSITLGNSTITTQECANVVVGYGVWPSYLQDNEATAEDQPTQPDVATCRFYTLDSIQWQKESDGWWWKFPEALKNMGLF
GQNMEYHYLGRSGYTIHVQCNASKFHQGCLLVVCVPEAEMGCSDVEREVVAASLSSEDTAKSFSRTESNGQHTVQTVVYN
AGMGVGVGNLTIFPHQWINLRTNNSATIVMPYINSVPMDNMFRHYNFTLMIIPFAKLEYTEQASNYVPITVTVAPMCAEY
NGLRLASHQ
;
2
3 'polypeptide(L)'
;GLPTMLTPGSNQFLTSDDFQSPSAMPQFDVTPEMKIPGEVHNLMEIAEVDSVVPVNNTKENINSMEAYRIPVTGGDQLHT
QVFGFQMQPGLNSVFKRTLLGEILNYYAHWSGSVKLTFVFCGSAMATGKFLLAYSPPGASPPQNRKQAMLGTHVIWDVGL
QSSCVLCIPWISQTHYRLVQQDEYTSAGYVTCWYQTGLIVPPGAPPSCTILCFASACNDFSVRNLRDTPFIEQTQLLQ
;
3
4 'polypeptide(L)'
;LQQSGAELARPWASVKISCQAFYTFNSYGMQWVKQRPGQGLEWIGTIYPGNGQTSYNQRFKGKATLTADKSPSTAYMQLI
SLTSEDSAGCFCAVVPTVDFDYWGQGTLVTVS
;
F
5 'polypeptide(L)'
;DIVMSQSPSSLAVSVWEKVTMSCKSSQSLLYSNTQKNYLAWYQQKPGQSPKLLIYWASTRESGVPDRFTGSGSGTDFTLT
ISSVKAEDLAVYYCQQYYSYPLTFGAGTKLELKRA
;
L
#
# COMPACT_ATOMS: atom_id res chain seq x y z
N TYR A 56 -21.61 -2.95 17.40
CA TYR A 56 -20.71 -4.10 17.54
C TYR A 56 -21.02 -5.15 16.48
N HIS A 57 -20.03 -5.43 15.63
CA HIS A 57 -20.19 -6.37 14.54
C HIS A 57 -19.55 -7.71 14.88
N SER A 58 -19.53 -8.62 13.92
CA SER A 58 -18.97 -9.95 14.09
C SER A 58 -17.69 -10.10 13.29
N ARG A 59 -16.73 -10.86 13.83
CA ARG A 59 -15.42 -11.03 13.20
C ARG A 59 -15.22 -12.45 12.70
N THR A 60 -16.29 -13.22 12.48
CA THR A 60 -16.15 -14.59 12.03
C THR A 60 -15.78 -14.69 10.56
N GLU A 61 -15.98 -13.63 9.78
CA GLU A 61 -15.66 -13.65 8.36
C GLU A 61 -14.16 -13.64 8.13
N SER A 62 -13.37 -13.15 9.09
CA SER A 62 -11.93 -13.03 8.93
C SER A 62 -11.17 -13.92 9.91
N SER A 63 -11.77 -15.05 10.29
CA SER A 63 -11.01 -16.06 11.01
C SER A 63 -10.14 -16.82 10.03
N ILE A 64 -9.21 -17.60 10.57
CA ILE A 64 -8.26 -18.32 9.71
C ILE A 64 -8.95 -19.44 8.96
N GLU A 65 -9.96 -20.06 9.56
CA GLU A 65 -10.72 -21.09 8.86
C GLU A 65 -11.54 -20.50 7.72
N ASN A 66 -12.20 -19.37 7.96
CA ASN A 66 -13.02 -18.75 6.92
C ASN A 66 -12.20 -18.03 5.85
N PHE A 67 -10.93 -17.75 6.12
CA PHE A 67 -10.06 -17.07 5.12
C PHE A 67 -9.27 -18.09 4.32
N LEU A 68 -8.83 -19.19 4.93
CA LEU A 68 -8.01 -20.14 4.12
C LEU A 68 -8.76 -21.42 3.71
N CYS A 69 -10.08 -21.55 3.90
CA CYS A 69 -10.75 -22.86 3.60
C CYS A 69 -11.66 -22.85 2.35
N ARG A 70 -11.46 -21.96 1.38
CA ARG A 70 -12.40 -21.93 0.23
C ARG A 70 -11.94 -22.89 -0.87
N ALA A 71 -12.83 -23.62 -1.56
CA ALA A 71 -12.33 -24.49 -2.65
C ALA A 71 -11.83 -23.63 -3.81
N ALA A 72 -10.77 -24.07 -4.48
CA ALA A 72 -10.17 -23.26 -5.55
C ALA A 72 -9.73 -24.18 -6.68
N CYS A 73 -10.03 -23.84 -7.93
CA CYS A 73 -9.51 -24.68 -8.99
C CYS A 73 -8.02 -24.45 -9.14
N VAL A 74 -7.21 -25.45 -8.82
CA VAL A 74 -5.77 -25.30 -8.82
C VAL A 74 -5.09 -25.98 -9.99
N TYR A 75 -5.79 -26.85 -10.72
CA TYR A 75 -5.16 -27.62 -11.77
C TYR A 75 -6.21 -28.08 -12.76
N ILE A 76 -6.05 -27.71 -14.03
CA ILE A 76 -6.88 -28.21 -15.12
C ILE A 76 -5.97 -28.90 -16.11
N ALA A 77 -6.17 -30.21 -16.29
CA ALA A 77 -5.45 -30.97 -17.28
C ALA A 77 -6.43 -31.79 -18.11
N THR A 78 -5.92 -32.36 -19.18
CA THR A 78 -6.72 -33.22 -20.03
C THR A 78 -5.98 -34.53 -20.29
N TYR A 79 -6.74 -35.59 -20.52
CA TYR A 79 -6.14 -36.91 -20.77
C TYR A 79 -7.05 -37.69 -21.70
N LYS A 80 -6.45 -38.33 -22.70
CA LYS A 80 -7.18 -39.04 -23.74
C LYS A 80 -7.50 -40.45 -23.28
N SER A 81 -7.95 -41.29 -24.21
CA SER A 81 -8.29 -42.67 -23.86
C SER A 81 -7.83 -43.68 -24.89
N ALA A 82 -7.10 -43.28 -25.92
CA ALA A 82 -6.55 -44.20 -26.90
C ALA A 82 -5.08 -43.89 -27.09
N GLY A 83 -4.41 -44.75 -27.85
CA GLY A 83 -2.96 -44.79 -27.89
C GLY A 83 -2.32 -43.63 -28.63
N GLY A 84 -1.03 -43.82 -28.90
CA GLY A 84 -0.19 -42.75 -29.41
C GLY A 84 1.04 -42.62 -28.52
N THR A 85 1.37 -41.40 -28.12
CA THR A 85 2.40 -41.23 -27.12
C THR A 85 1.87 -41.65 -25.75
N PRO A 86 2.71 -42.28 -24.91
CA PRO A 86 2.26 -42.71 -23.58
C PRO A 86 2.37 -41.62 -22.51
N THR A 87 1.90 -40.43 -22.84
CA THR A 87 1.93 -39.33 -21.89
C THR A 87 0.57 -38.67 -21.74
N GLU A 88 -0.19 -38.51 -22.82
CA GLU A 88 -1.47 -37.85 -22.76
C GLU A 88 -2.61 -38.80 -22.43
N ARG A 89 -2.31 -40.04 -22.06
CA ARG A 89 -3.32 -40.99 -21.66
C ARG A 89 -3.66 -40.92 -20.17
N TYR A 90 -2.98 -40.06 -19.42
CA TYR A 90 -3.24 -39.90 -18.00
C TYR A 90 -2.87 -38.48 -17.59
N ALA A 91 -3.26 -38.11 -16.38
CA ALA A 91 -2.97 -36.79 -15.82
C ALA A 91 -2.19 -36.95 -14.53
N SER A 92 -1.53 -35.88 -14.12
CA SER A 92 -0.65 -35.95 -12.95
C SER A 92 -0.51 -34.57 -12.32
N TRP A 93 -0.56 -34.53 -10.99
CA TRP A 93 -0.46 -33.27 -10.27
C TRP A 93 0.24 -33.51 -8.93
N ARG A 94 1.46 -33.01 -8.81
CA ARG A 94 2.11 -32.99 -7.50
C ARG A 94 1.46 -31.90 -6.65
N ILE A 95 0.99 -32.30 -5.46
CA ILE A 95 0.19 -31.41 -4.63
C ILE A 95 1.07 -30.35 -3.99
N ASN A 96 1.09 -29.16 -4.58
CA ASN A 96 1.84 -28.04 -4.02
C ASN A 96 1.00 -26.78 -4.13
N THR A 97 1.07 -25.96 -3.09
CA THR A 97 0.36 -24.69 -3.08
C THR A 97 1.27 -23.53 -3.48
N ARG A 98 1.94 -23.66 -4.61
CA ARG A 98 2.83 -22.62 -5.10
C ARG A 98 2.64 -22.32 -6.58
N GLN A 99 2.00 -23.19 -7.35
CA GLN A 99 1.81 -22.94 -8.76
C GLN A 99 0.72 -21.90 -9.01
N MET A 100 -0.26 -21.84 -8.12
CA MET A 100 -1.37 -20.85 -8.24
C MET A 100 -1.05 -19.64 -7.38
N VAL A 101 -0.80 -18.49 -8.00
CA VAL A 101 -0.40 -17.26 -7.26
C VAL A 101 -1.50 -16.79 -6.32
N GLN A 102 -2.78 -16.86 -6.72
CA GLN A 102 -3.85 -16.28 -5.88
C GLN A 102 -3.88 -16.98 -4.51
N LEU A 103 -3.71 -18.29 -4.48
CA LEU A 103 -3.78 -19.06 -3.21
C LEU A 103 -2.41 -19.02 -2.55
N ARG A 104 -1.36 -18.86 -3.34
CA ARG A 104 -0.02 -18.79 -2.77
C ARG A 104 0.13 -17.57 -1.87
N ARG A 105 -0.44 -16.43 -2.28
CA ARG A 105 -0.33 -15.20 -1.50
C ARG A 105 -1.11 -15.30 -0.19
N LYS A 106 -2.23 -16.01 -0.18
CA LYS A 106 -2.98 -16.16 1.07
C LYS A 106 -2.26 -17.09 2.02
N PHE A 107 -1.65 -18.17 1.50
CA PHE A 107 -0.87 -19.05 2.36
C PHE A 107 0.41 -18.42 2.84
N GLU A 108 0.98 -17.49 2.08
CA GLU A 108 2.22 -16.84 2.45
C GLU A 108 2.01 -15.60 3.29
N LEU A 109 0.85 -15.47 3.93
CA LEU A 109 0.71 -14.56 5.05
C LEU A 109 1.09 -15.23 6.36
N PHE A 110 1.53 -16.49 6.32
CA PHE A 110 1.85 -17.26 7.51
C PHE A 110 3.12 -18.06 7.24
N THR A 111 3.87 -18.33 8.31
CA THR A 111 5.09 -19.11 8.16
C THR A 111 4.81 -20.60 8.26
N TYR A 112 4.03 -21.00 9.25
CA TYR A 112 3.78 -22.40 9.55
C TYR A 112 2.29 -22.67 9.49
N LEU A 113 1.91 -23.69 8.72
CA LEU A 113 0.53 -24.07 8.51
C LEU A 113 0.34 -25.54 8.86
N ARG A 114 -0.90 -25.90 9.18
CA ARG A 114 -1.25 -27.27 9.49
C ARG A 114 -2.71 -27.49 9.13
N PHE A 115 -2.97 -28.40 8.20
CA PHE A 115 -4.32 -28.59 7.70
C PHE A 115 -4.48 -29.97 7.10
N ASP A 116 -5.73 -30.42 7.03
CA ASP A 116 -6.11 -31.55 6.19
C ASP A 116 -6.46 -31.03 4.80
N MET A 117 -6.53 -31.95 3.85
CA MET A 117 -6.89 -31.59 2.48
C MET A 117 -8.28 -32.13 2.15
N GLU A 118 -8.96 -31.42 1.26
CA GLU A 118 -10.30 -31.83 0.80
C GLU A 118 -10.32 -31.60 -0.71
N ILE A 119 -9.94 -32.62 -1.46
CA ILE A 119 -9.77 -32.52 -2.89
C ILE A 119 -11.01 -33.06 -3.58
N THR A 120 -11.47 -32.36 -4.61
CA THR A 120 -12.67 -32.71 -5.36
C THR A 120 -12.35 -32.63 -6.84
N PHE A 121 -12.82 -33.62 -7.61
CA PHE A 121 -12.44 -33.80 -9.00
C PHE A 121 -13.67 -33.65 -9.88
N VAL A 122 -13.63 -32.71 -10.81
CA VAL A 122 -14.73 -32.47 -11.73
C VAL A 122 -14.28 -32.95 -13.10
N ILE A 123 -14.75 -34.13 -13.50
CA ILE A 123 -14.31 -34.78 -14.72
C ILE A 123 -15.44 -34.74 -15.73
N THR A 124 -15.23 -34.02 -16.82
CA THR A 124 -16.16 -33.98 -17.95
C THR A 124 -15.44 -34.51 -19.17
N SER A 125 -16.03 -35.50 -19.83
CA SER A 125 -15.44 -36.09 -21.03
C SER A 125 -16.18 -35.62 -22.28
N THR A 126 -15.58 -35.93 -23.43
CA THR A 126 -16.18 -35.63 -24.72
C THR A 126 -15.75 -36.69 -25.71
N GLN A 127 -16.41 -36.68 -26.87
CA GLN A 127 -16.11 -37.60 -27.95
C GLN A 127 -15.21 -36.90 -28.97
N ASP A 128 -14.10 -37.51 -29.29
CA ASP A 128 -13.19 -36.91 -30.25
C ASP A 128 -13.73 -37.02 -31.68
N PRO A 129 -13.42 -36.04 -32.54
CA PRO A 129 -13.84 -36.15 -33.93
C PRO A 129 -12.97 -37.09 -34.74
N GLY A 130 -13.21 -37.14 -36.03
CA GLY A 130 -12.49 -38.02 -36.92
C GLY A 130 -13.29 -39.27 -37.25
N THR A 131 -12.63 -40.18 -37.94
CA THR A 131 -13.26 -41.44 -38.32
C THR A 131 -13.11 -42.45 -37.19
N GLN A 132 -13.79 -43.58 -37.36
CA GLN A 132 -13.92 -44.67 -36.37
C GLN A 132 -14.48 -44.12 -35.04
N LEU A 133 -15.71 -43.62 -35.12
CA LEU A 133 -16.30 -42.91 -33.96
C LEU A 133 -16.64 -43.81 -32.77
N ALA A 134 -16.88 -43.20 -31.61
CA ALA A 134 -17.22 -43.93 -30.37
C ALA A 134 -18.55 -44.67 -30.56
N GLN A 135 -19.52 -44.04 -31.22
CA GLN A 135 -20.86 -44.66 -31.42
C GLN A 135 -21.45 -45.01 -30.04
N ASP A 136 -21.90 -46.24 -29.86
CA ASP A 136 -22.46 -46.68 -28.56
C ASP A 136 -21.32 -46.83 -27.55
N MET A 137 -21.12 -45.81 -26.69
CA MET A 137 -20.10 -45.90 -25.67
C MET A 137 -20.84 -46.20 -24.40
N PRO A 138 -20.47 -47.28 -23.70
CA PRO A 138 -21.34 -47.54 -22.56
C PRO A 138 -21.33 -46.63 -21.35
N VAL A 139 -20.21 -46.35 -20.70
CA VAL A 139 -20.16 -45.44 -19.54
C VAL A 139 -18.68 -45.31 -19.23
N LEU A 140 -18.18 -44.14 -18.87
CA LEU A 140 -16.70 -44.05 -18.62
C LEU A 140 -16.37 -44.20 -17.13
N THR A 141 -15.42 -45.09 -16.77
CA THR A 141 -15.04 -45.20 -15.34
C THR A 141 -13.63 -44.64 -15.25
N HIS A 142 -13.31 -43.92 -14.18
CA HIS A 142 -11.99 -43.25 -14.07
C HIS A 142 -11.35 -43.66 -12.75
N GLN A 143 -10.04 -43.89 -12.75
CA GLN A 143 -9.33 -44.20 -11.49
C GLN A 143 -8.54 -42.97 -11.11
N ILE A 144 -8.72 -42.49 -9.88
CA ILE A 144 -7.93 -41.34 -9.39
C ILE A 144 -7.07 -41.93 -8.28
N MET A 145 -5.75 -41.86 -8.41
CA MET A 145 -4.90 -42.52 -7.40
C MET A 145 -4.14 -41.46 -6.61
N TYR A 146 -4.17 -41.55 -5.29
CA TYR A 146 -3.35 -40.64 -4.47
C TYR A 146 -2.10 -41.41 -4.07
N ILE A 147 -0.96 -41.03 -4.62
CA ILE A 147 0.32 -41.68 -4.23
C ILE A 147 0.77 -41.02 -2.94
N PRO A 148 0.82 -41.73 -1.81
CA PRO A 148 1.17 -41.12 -0.54
C PRO A 148 2.63 -40.72 -0.70
N PRO A 149 3.17 -39.74 0.05
CA PRO A 149 4.54 -39.29 -0.19
C PRO A 149 5.48 -40.50 -0.10
N GLY A 150 6.46 -40.60 -1.00
CA GLY A 150 7.29 -41.81 -1.04
C GLY A 150 6.47 -43.05 -1.36
N GLY A 151 5.70 -43.03 -2.45
CA GLY A 151 4.89 -44.18 -2.88
C GLY A 151 5.10 -44.48 -4.35
N PRO A 152 4.77 -45.68 -4.86
CA PRO A 152 5.04 -46.01 -6.25
C PRO A 152 4.34 -45.05 -7.21
N VAL A 153 5.06 -44.48 -8.18
CA VAL A 153 4.46 -43.44 -9.06
C VAL A 153 4.42 -43.97 -10.50
N PRO A 154 3.26 -43.92 -11.18
CA PRO A 154 3.13 -44.49 -12.53
C PRO A 154 4.00 -43.82 -13.59
N ASN A 155 4.79 -44.61 -14.31
CA ASN A 155 5.60 -44.06 -15.43
C ASN A 155 4.65 -43.72 -16.56
N SER A 156 3.63 -44.55 -16.76
CA SER A 156 2.64 -44.34 -17.85
C SER A 156 1.38 -45.17 -17.58
N ALA A 157 0.51 -45.30 -18.59
CA ALA A 157 -0.75 -46.07 -18.47
C ALA A 157 -0.47 -47.58 -18.44
N THR A 158 -1.40 -48.34 -17.86
CA THR A 158 -1.33 -49.82 -17.73
C THR A 158 -0.04 -50.25 -17.01
N ASP A 159 0.34 -49.51 -15.96
CA ASP A 159 1.55 -49.84 -15.15
C ASP A 159 1.09 -50.54 -13.86
N PHE A 160 2.01 -51.21 -13.15
CA PHE A 160 1.61 -51.91 -11.90
C PHE A 160 1.31 -50.89 -10.79
N ALA A 161 1.89 -49.68 -10.89
CA ALA A 161 1.68 -48.66 -9.84
C ALA A 161 0.19 -48.43 -9.66
N TRP A 162 -0.57 -48.50 -10.74
CA TRP A 162 -2.05 -48.29 -10.69
C TRP A 162 -2.70 -49.37 -9.82
N GLN A 163 -2.21 -50.61 -9.90
CA GLN A 163 -2.79 -51.75 -9.15
C GLN A 163 -2.11 -51.95 -7.79
N SER A 164 -1.22 -51.04 -7.41
CA SER A 164 -0.59 -51.10 -6.06
C SER A 164 -1.63 -50.87 -4.98
N SER A 165 -1.68 -51.75 -3.97
CA SER A 165 -2.63 -51.61 -2.84
C SER A 165 -2.26 -50.40 -1.99
N THR A 166 -0.97 -50.06 -1.93
CA THR A 166 -0.52 -48.96 -1.03
C THR A 166 -1.13 -47.62 -1.41
N ASN A 167 -1.25 -47.31 -2.71
CA ASN A 167 -1.71 -45.98 -3.14
C ASN A 167 -3.24 -45.95 -3.13
N PRO A 168 -3.89 -45.17 -2.26
CA PRO A 168 -5.34 -45.16 -2.19
C PRO A 168 -5.93 -44.70 -3.54
N SER A 169 -7.04 -45.31 -3.98
CA SER A 169 -7.60 -44.98 -5.32
C SER A 169 -9.12 -44.82 -5.25
N ILE A 170 -9.71 -44.06 -6.17
CA ILE A 170 -11.20 -43.94 -6.25
C ILE A 170 -11.65 -44.39 -7.64
N PHE A 171 -12.62 -45.31 -7.72
CA PHE A 171 -13.19 -45.70 -9.03
C PHE A 171 -14.52 -44.98 -9.17
N TRP A 172 -14.66 -44.10 -10.16
CA TRP A 172 -15.82 -43.23 -10.27
C TRP A 172 -16.44 -43.37 -11.66
N THR A 173 -17.76 -43.50 -11.70
CA THR A 173 -18.50 -43.68 -12.93
C THR A 173 -19.16 -42.37 -13.31
N GLU A 174 -19.16 -42.05 -14.60
CA GLU A 174 -19.67 -40.76 -15.05
C GLU A 174 -21.18 -40.68 -14.96
N GLY A 175 -21.68 -39.48 -14.68
CA GLY A 175 -23.10 -39.23 -14.60
C GLY A 175 -23.62 -38.96 -13.21
N CYS A 176 -22.79 -39.03 -12.18
CA CYS A 176 -23.25 -38.78 -10.82
C CYS A 176 -22.39 -37.71 -10.15
N ALA A 177 -22.52 -37.59 -8.83
CA ALA A 177 -21.80 -36.59 -8.05
C ALA A 177 -20.29 -36.79 -8.17
N PRO A 178 -19.52 -35.70 -8.10
CA PRO A 178 -18.07 -35.81 -8.30
C PRO A 178 -17.37 -36.59 -7.20
N ALA A 179 -16.14 -36.98 -7.49
CA ALA A 179 -15.35 -37.79 -6.56
C ALA A 179 -14.66 -36.89 -5.55
N ARG A 180 -14.65 -37.33 -4.29
CA ARG A 180 -14.10 -36.57 -3.18
C ARG A 180 -13.21 -37.46 -2.34
N MET A 181 -12.10 -36.90 -1.85
CA MET A 181 -11.25 -37.60 -0.90
C MET A 181 -10.70 -36.60 0.09
N SER A 182 -10.34 -37.08 1.27
CA SER A 182 -9.77 -36.27 2.33
C SER A 182 -8.44 -36.88 2.76
N VAL A 183 -7.41 -36.06 2.86
CA VAL A 183 -6.08 -36.49 3.23
C VAL A 183 -5.71 -35.79 4.53
N PRO A 184 -5.23 -36.49 5.54
CA PRO A 184 -4.86 -35.85 6.80
C PRO A 184 -3.53 -35.11 6.69
N PHE A 185 -3.08 -34.56 7.81
CA PHE A 185 -1.79 -33.90 7.89
C PHE A 185 -0.70 -34.95 7.82
N ILE A 186 -0.03 -35.04 6.67
CA ILE A 186 0.98 -36.06 6.43
C ILE A 186 2.39 -35.47 6.43
N SER A 187 3.02 -35.44 7.58
CA SER A 187 4.37 -34.90 7.65
C SER A 187 5.08 -35.51 8.84
N ILE A 188 6.39 -35.72 8.69
CA ILE A 188 7.22 -36.07 9.83
C ILE A 188 7.27 -34.91 10.81
N GLY A 189 7.32 -33.67 10.30
CA GLY A 189 7.33 -32.50 11.13
C GLY A 189 5.97 -32.24 11.76
N ASN A 190 5.89 -31.16 12.53
CA ASN A 190 4.67 -30.82 13.23
C ASN A 190 3.86 -29.73 12.53
N ALA A 191 4.32 -29.25 11.39
CA ALA A 191 3.60 -28.29 10.55
C ALA A 191 4.23 -28.29 9.18
N TYR A 192 3.49 -27.77 8.20
CA TYR A 192 4.13 -27.40 6.94
C TYR A 192 4.74 -26.01 7.09
N SER A 193 5.73 -25.71 6.27
CA SER A 193 6.40 -24.44 6.31
C SER A 193 6.33 -23.80 4.93
N ASN A 194 5.77 -22.59 4.87
CA ASN A 194 5.74 -21.87 3.62
C ASN A 194 7.11 -21.34 3.25
N PHE A 195 7.95 -21.08 4.25
CA PHE A 195 9.29 -20.57 4.06
C PHE A 195 10.27 -21.49 4.75
N TYR A 196 11.49 -21.55 4.21
CA TYR A 196 12.54 -22.35 4.83
C TYR A 196 13.87 -21.65 4.56
N ASP A 197 14.35 -20.92 5.57
CA ASP A 197 15.65 -20.26 5.49
C ASP A 197 16.71 -21.29 5.84
N GLY A 198 17.07 -22.10 4.86
CA GLY A 198 18.00 -23.17 5.10
C GLY A 198 18.16 -24.04 3.87
N TRP A 199 18.83 -25.17 4.08
CA TRP A 199 19.25 -26.04 3.01
C TRP A 199 18.74 -27.45 3.28
N SER A 200 18.83 -28.29 2.25
CA SER A 200 18.25 -29.63 2.29
C SER A 200 19.21 -30.66 2.87
N HIS A 201 20.50 -30.53 2.53
CA HIS A 201 21.54 -31.43 3.11
C HIS A 201 22.13 -30.77 4.37
N PHE A 202 22.78 -31.55 5.24
CA PHE A 202 23.36 -31.03 6.51
C PHE A 202 24.61 -30.19 6.22
N THR A 203 25.16 -30.29 5.01
CA THR A 203 26.42 -29.58 4.66
C THR A 203 26.09 -28.24 4.00
N GLN A 204 24.84 -27.77 4.10
CA GLN A 204 24.40 -26.52 3.42
C GLN A 204 24.58 -26.70 1.91
N GLU A 205 24.32 -27.91 1.41
CA GLU A 205 24.52 -28.19 -0.03
C GLU A 205 23.18 -28.59 -0.66
N GLY A 206 22.98 -28.28 -1.94
CA GLY A 206 21.75 -28.71 -2.65
C GLY A 206 20.94 -27.52 -3.13
N VAL A 207 19.67 -27.45 -2.75
CA VAL A 207 18.79 -26.38 -3.19
C VAL A 207 18.25 -25.64 -1.97
N TYR A 208 18.09 -24.32 -2.09
CA TYR A 208 17.74 -23.44 -0.99
C TYR A 208 16.27 -23.57 -0.57
N GLY A 209 15.89 -24.73 -0.03
CA GLY A 209 14.57 -24.93 0.53
C GLY A 209 13.54 -25.60 -0.36
N PHE A 210 13.89 -26.72 -1.01
CA PHE A 210 12.97 -27.39 -1.93
C PHE A 210 12.79 -28.87 -1.61
N ASN A 211 13.80 -29.50 -1.02
CA ASN A 211 13.64 -30.91 -0.60
C ASN A 211 13.14 -30.99 0.86
N SER A 212 12.39 -30.00 1.33
CA SER A 212 11.92 -29.98 2.74
C SER A 212 10.81 -31.02 2.93
N LEU A 213 10.45 -31.34 4.18
CA LEU A 213 9.37 -32.31 4.48
C LEU A 213 8.03 -31.62 4.32
N ASN A 214 7.79 -30.99 3.18
CA ASN A 214 6.51 -30.30 2.90
C ASN A 214 5.86 -31.05 1.74
N ASN A 215 6.13 -32.35 1.62
CA ASN A 215 5.58 -33.18 0.51
C ASN A 215 4.17 -33.68 0.85
N MET A 216 3.19 -33.41 -0.01
CA MET A 216 1.82 -33.88 0.17
C MET A 216 1.47 -35.05 -0.73
N GLY A 217 2.28 -35.34 -1.74
CA GLY A 217 2.04 -36.47 -2.60
C GLY A 217 1.67 -36.05 -4.01
N HIS A 218 1.17 -37.00 -4.78
CA HIS A 218 0.73 -36.78 -6.14
C HIS A 218 -0.69 -37.28 -6.31
N ILE A 219 -1.30 -36.89 -7.43
CA ILE A 219 -2.61 -37.37 -7.83
C ILE A 219 -2.53 -37.74 -9.31
N TYR A 220 -2.89 -38.97 -9.63
CA TYR A 220 -2.83 -39.49 -10.99
C TYR A 220 -4.20 -40.01 -11.39
N VAL A 221 -4.66 -39.64 -12.59
CA VAL A 221 -6.00 -39.99 -13.06
C VAL A 221 -5.88 -40.63 -14.45
N ARG A 222 -6.62 -41.73 -14.65
CA ARG A 222 -6.67 -42.39 -15.96
C ARG A 222 -8.04 -43.00 -16.18
N HIS A 223 -8.33 -43.35 -17.44
CA HIS A 223 -9.51 -44.14 -17.77
C HIS A 223 -9.29 -45.60 -17.43
N VAL A 224 -10.32 -46.22 -16.84
CA VAL A 224 -10.24 -47.65 -16.54
C VAL A 224 -10.63 -48.48 -17.76
N ASN A 225 -11.42 -47.91 -18.67
CA ASN A 225 -11.94 -48.66 -19.81
C ASN A 225 -10.85 -49.03 -20.80
N GLU A 226 -11.16 -50.01 -21.64
CA GLU A 226 -10.22 -50.58 -22.60
C GLU A 226 -10.57 -50.19 -24.03
N GLN A 227 -11.10 -48.97 -24.18
CA GLN A 227 -11.82 -48.53 -25.38
C GLN A 227 -10.98 -48.58 -26.64
N SER A 228 -11.40 -49.41 -27.59
CA SER A 228 -10.65 -49.65 -28.82
C SER A 228 -11.06 -48.69 -29.93
N LEU A 229 -12.33 -48.72 -30.33
CA LEU A 229 -12.82 -47.80 -31.34
C LEU A 229 -13.23 -46.49 -30.68
N GLY A 230 -12.85 -45.39 -31.30
CA GLY A 230 -13.15 -44.07 -30.76
C GLY A 230 -12.23 -43.65 -29.64
N VAL A 231 -12.02 -42.35 -29.50
CA VAL A 231 -11.22 -41.79 -28.42
C VAL A 231 -12.14 -40.89 -27.59
N SER A 232 -11.94 -40.89 -26.27
CA SER A 232 -12.72 -40.06 -25.36
C SER A 232 -11.76 -39.20 -24.56
N THR A 233 -11.83 -37.89 -24.76
CA THR A 233 -10.93 -36.95 -24.10
C THR A 233 -11.63 -36.36 -22.89
N SER A 234 -11.08 -36.60 -21.70
CA SER A 234 -11.63 -36.09 -20.46
C SER A 234 -10.80 -34.94 -19.95
N THR A 235 -11.45 -34.05 -19.19
CA THR A 235 -10.79 -32.88 -18.63
C THR A 235 -11.04 -32.86 -17.13
N LEU A 236 -9.96 -32.86 -16.36
CA LEU A 236 -10.01 -32.91 -14.91
C LEU A 236 -9.89 -31.52 -14.33
N ARG A 237 -10.70 -31.23 -13.31
CA ARG A 237 -10.61 -29.98 -12.55
C ARG A 237 -10.45 -30.34 -11.10
N VAL A 238 -9.38 -29.86 -10.47
CA VAL A 238 -9.06 -30.17 -9.09
C VAL A 238 -9.45 -28.98 -8.23
N TYR A 239 -10.34 -29.20 -7.28
CA TYR A 239 -10.80 -28.14 -6.38
C TYR A 239 -10.24 -28.44 -4.99
N PHE A 240 -9.06 -27.91 -4.71
CA PHE A 240 -8.38 -28.16 -3.46
C PHE A 240 -8.93 -27.25 -2.36
N LYS A 241 -9.01 -27.78 -1.15
CA LYS A 241 -9.53 -27.02 -0.03
C LYS A 241 -8.93 -27.48 1.30
N PRO A 242 -8.36 -26.59 2.09
CA PRO A 242 -7.83 -26.98 3.41
C PRO A 242 -8.88 -26.94 4.50
N LYS A 243 -8.78 -27.89 5.42
CA LYS A 243 -9.74 -28.04 6.51
C LYS A 243 -9.00 -28.06 7.84
N HIS A 244 -9.58 -27.43 8.86
CA HIS A 244 -8.96 -27.38 10.20
C HIS A 244 -7.61 -26.68 10.14
N VAL A 245 -7.54 -25.53 9.45
CA VAL A 245 -6.24 -24.82 9.27
C VAL A 245 -5.79 -24.21 10.59
N ARG A 246 -4.51 -24.34 10.92
CA ARG A 246 -3.92 -23.71 12.13
C ARG A 246 -2.68 -23.01 11.61
N ALA A 247 -2.53 -21.71 11.83
CA ALA A 247 -1.47 -20.93 11.20
C ALA A 247 -0.72 -20.12 12.24
N TRP A 248 0.59 -20.01 12.05
CA TRP A 248 1.45 -19.34 13.05
C TRP A 248 2.38 -18.32 12.39
N VAL A 249 2.94 -17.38 13.16
CA VAL A 249 3.94 -16.39 12.67
C VAL A 249 3.48 -15.60 11.44
N PRO A 250 2.55 -14.64 11.57
CA PRO A 250 2.05 -13.89 10.44
C PRO A 250 3.16 -13.14 9.70
N ARG A 251 3.15 -13.17 8.37
CA ARG A 251 4.23 -12.54 7.58
C ARG A 251 3.63 -11.38 6.77
N PRO A 252 4.39 -10.40 6.22
CA PRO A 252 3.79 -9.32 5.47
C PRO A 252 3.31 -9.81 4.12
N PRO A 253 2.26 -9.20 3.57
CA PRO A 253 1.81 -9.60 2.23
C PRO A 253 2.81 -9.16 1.18
N ARG A 254 2.93 -9.97 0.15
CA ARG A 254 3.99 -9.75 -0.82
C ARG A 254 3.70 -8.57 -1.73
N LEU A 255 4.74 -7.83 -2.04
CA LEU A 255 4.68 -6.69 -2.94
C LEU A 255 5.06 -7.06 -4.36
N SER A 256 6.23 -7.67 -4.54
CA SER A 256 6.72 -8.00 -5.87
C SER A 256 5.94 -9.18 -6.44
N PRO A 257 5.80 -9.24 -7.76
CA PRO A 257 5.19 -10.43 -8.37
C PRO A 257 6.12 -11.62 -8.36
N TYR A 258 5.51 -12.79 -8.45
CA TYR A 258 6.26 -14.05 -8.42
C TYR A 258 6.91 -14.32 -9.77
N VAL A 259 7.98 -15.11 -9.75
CA VAL A 259 8.66 -15.53 -10.96
C VAL A 259 8.59 -17.04 -11.17
N LYS A 260 8.69 -17.83 -10.11
CA LYS A 260 8.65 -19.28 -10.24
C LYS A 260 8.24 -19.91 -8.92
N SER A 261 7.67 -21.11 -9.02
CA SER A 261 7.15 -21.82 -7.84
C SER A 261 8.17 -22.76 -7.23
N SER A 262 9.37 -22.25 -7.03
CA SER A 262 10.38 -22.96 -6.25
C SER A 262 11.21 -22.01 -5.41
N ASN A 263 10.93 -20.72 -5.45
CA ASN A 263 11.82 -19.70 -4.94
C ASN A 263 11.01 -18.65 -4.20
N VAL A 264 11.71 -17.63 -3.75
CA VAL A 264 11.12 -16.36 -3.34
C VAL A 264 11.72 -15.22 -4.14
N ASN A 265 12.26 -15.57 -5.32
CA ASN A 265 12.97 -14.58 -6.16
C ASN A 265 12.03 -13.48 -6.61
N PHE A 266 12.55 -12.27 -6.84
CA PHE A 266 11.67 -11.11 -7.14
C PHE A 266 12.41 -10.02 -7.87
N LYS A 267 11.68 -9.07 -8.45
CA LYS A 267 12.30 -7.89 -9.08
C LYS A 267 11.96 -6.68 -8.19
N PRO A 268 12.82 -5.64 -8.01
CA PRO A 268 12.55 -4.54 -7.09
C PRO A 268 11.41 -3.65 -7.53
N THR A 269 10.30 -3.66 -6.80
CA THR A 269 9.12 -2.87 -7.13
C THR A 269 8.89 -1.78 -6.11
N ALA A 270 8.12 -0.77 -6.53
CA ALA A 270 7.81 0.36 -5.68
C ALA A 270 6.91 -0.07 -4.53
N VAL A 271 7.09 0.67 -3.47
CA VAL A 271 6.42 0.47 -2.25
C VAL A 271 4.96 0.68 -2.50
N THR A 272 4.61 1.63 -3.35
CA THR A 272 3.21 1.94 -3.67
C THR A 272 3.01 2.73 -4.98
N THR A 273 1.79 3.05 -5.34
CA THR A 273 1.46 3.77 -6.58
C THR A 273 1.81 5.25 -6.61
N GLU A 274 1.92 5.84 -7.80
CA GLU A 274 2.27 7.29 -7.95
C GLU A 274 1.17 8.18 -7.38
N ARG A 275 1.52 9.35 -6.84
CA ARG A 275 0.49 10.30 -6.33
C ARG A 275 0.79 11.69 -6.86
N LYS A 276 -0.16 12.61 -6.88
CA LYS A 276 0.18 13.92 -7.49
C LYS A 276 1.30 14.62 -6.73
N ASP A 277 1.23 14.67 -5.40
CA ASP A 277 2.26 15.46 -4.66
C ASP A 277 2.31 15.05 -3.19
N ILE A 278 3.23 15.62 -2.39
CA ILE A 278 3.28 15.21 -0.96
C ILE A 278 1.96 15.53 -0.27
N ASN A 279 1.31 16.65 -0.57
CA ASN A 279 0.03 16.94 0.12
C ASN A 279 -1.03 17.28 -0.92
N ASP A 280 -1.52 16.28 -1.64
CA ASP A 280 -2.55 16.57 -2.64
C ASP A 280 -3.75 15.66 -2.43
N VAL A 281 -4.87 16.23 -2.04
CA VAL A 281 -6.12 15.45 -1.94
C VAL A 281 -6.73 15.38 -3.35
N GLY A 282 -7.63 14.45 -3.65
CA GLY A 282 -8.09 14.40 -5.05
C GLY A 282 -9.46 14.99 -5.34
N THR A 283 -9.60 15.62 -6.51
CA THR A 283 -10.88 16.14 -7.07
C THR A 283 -11.68 16.98 -6.07
N LEU A 284 -11.17 18.13 -5.65
CA LEU A 284 -11.97 18.95 -4.68
C LEU A 284 -13.30 19.30 -5.32
N ARG A 285 -14.40 19.22 -4.56
CA ARG A 285 -15.77 19.43 -5.10
C ARG A 285 -15.87 20.79 -5.78
N PRO A 286 -16.34 20.86 -7.03
CA PRO A 286 -16.44 22.13 -7.75
C PRO A 286 -17.57 22.94 -7.12
N VAL A 287 -17.46 24.26 -7.07
CA VAL A 287 -18.50 25.11 -6.42
C VAL A 287 -19.91 24.80 -6.91
N GLY A 288 -20.76 24.34 -5.98
CA GLY A 288 -22.20 24.06 -6.15
C GLY A 288 -23.03 24.94 -5.24
N TYR A 289 -24.31 24.61 -5.04
CA TYR A 289 -25.17 25.46 -4.18
C TYR A 289 -25.15 25.01 -2.71
N THR A 290 -24.20 24.18 -2.30
CA THR A 290 -24.13 23.73 -0.88
C THR A 290 -22.66 23.76 -0.46
N ASN A 291 -21.82 23.26 -1.36
CA ASN A 291 -20.36 23.16 -1.15
C ASN A 291 -19.72 24.54 -1.37
N HIS A 292 -20.30 25.34 -2.27
CA HIS A 292 -19.78 26.70 -2.57
C HIS A 292 -18.28 26.65 -2.84
N ARG B 80 19.10 2.71 38.77
CA ARG B 80 18.65 3.15 37.45
C ARG B 80 19.73 2.96 36.40
N VAL B 81 20.92 2.54 36.84
CA VAL B 81 22.05 2.26 35.95
C VAL B 81 22.44 0.80 36.24
N ARG B 82 21.43 -0.04 36.44
CA ARG B 82 21.62 -1.39 36.97
C ARG B 82 22.48 -2.27 36.08
N SER B 83 23.42 -2.98 36.69
CA SER B 83 24.35 -3.84 35.98
C SER B 83 23.80 -5.25 35.86
N ILE B 84 24.13 -5.90 34.76
CA ILE B 84 23.68 -7.27 34.48
C ILE B 84 24.92 -8.14 34.33
N THR B 85 25.04 -9.15 35.18
CA THR B 85 26.14 -10.10 35.12
C THR B 85 25.57 -11.47 34.80
N LEU B 86 26.05 -12.07 33.71
CA LEU B 86 25.53 -13.35 33.22
C LEU B 86 26.72 -14.28 32.99
N GLY B 87 26.94 -15.20 33.91
CA GLY B 87 28.15 -16.00 33.92
C GLY B 87 29.30 -15.24 34.54
N ASN B 88 30.37 -15.97 34.83
CA ASN B 88 31.52 -15.35 35.50
C ASN B 88 32.51 -14.83 34.45
N SER B 89 31.98 -14.13 33.45
CA SER B 89 32.83 -13.39 32.53
C SER B 89 32.26 -12.05 32.10
N THR B 90 30.95 -11.83 32.16
CA THR B 90 30.30 -10.75 31.42
C THR B 90 29.70 -9.70 32.34
N ILE B 91 29.88 -8.44 31.95
CA ILE B 91 29.26 -7.30 32.60
C ILE B 91 28.76 -6.37 31.51
N THR B 92 27.47 -6.02 31.56
CA THR B 92 26.89 -5.02 30.67
C THR B 92 26.11 -4.03 31.52
N THR B 93 26.32 -2.75 31.28
CA THR B 93 25.66 -1.69 32.03
C THR B 93 24.52 -1.13 31.19
N GLN B 94 23.36 -0.93 31.82
CA GLN B 94 22.16 -0.55 31.09
C GLN B 94 21.18 0.10 32.05
N GLU B 95 20.44 1.09 31.57
CA GLU B 95 19.37 1.69 32.36
C GLU B 95 18.09 0.86 32.27
N CYS B 96 17.02 1.37 32.87
CA CYS B 96 15.75 0.65 32.95
C CYS B 96 14.83 1.11 31.83
N ALA B 97 14.58 0.22 30.87
CA ALA B 97 13.85 0.57 29.66
C ALA B 97 12.89 -0.58 29.32
N ASN B 98 12.37 -0.56 28.08
CA ASN B 98 11.34 -1.49 27.66
C ASN B 98 11.93 -2.68 26.92
N VAL B 99 11.31 -3.84 27.09
CA VAL B 99 11.71 -5.07 26.42
C VAL B 99 10.56 -5.54 25.53
N VAL B 100 10.88 -6.34 24.54
CA VAL B 100 9.88 -7.03 23.72
C VAL B 100 10.08 -8.52 23.91
N VAL B 101 9.06 -9.20 24.38
CA VAL B 101 9.16 -10.63 24.65
C VAL B 101 8.49 -11.39 23.52
N GLY B 102 9.26 -11.72 22.48
CA GLY B 102 8.94 -12.71 21.46
C GLY B 102 7.62 -12.51 20.76
N TYR B 103 6.90 -13.62 20.59
CA TYR B 103 5.51 -13.60 20.23
C TYR B 103 4.61 -13.69 21.44
N GLY B 104 5.12 -13.33 22.61
CA GLY B 104 4.39 -13.40 23.84
C GLY B 104 4.82 -14.48 24.80
N VAL B 105 5.82 -15.28 24.45
CA VAL B 105 6.29 -16.37 25.30
C VAL B 105 7.74 -16.10 25.69
N TRP B 106 8.12 -16.55 26.87
CA TRP B 106 9.51 -16.56 27.27
C TRP B 106 10.16 -17.85 26.78
N PRO B 107 11.46 -17.84 26.48
CA PRO B 107 12.16 -19.10 26.20
C PRO B 107 12.15 -20.03 27.40
N SER B 108 12.06 -21.32 27.13
CA SER B 108 11.90 -22.31 28.18
C SER B 108 12.58 -23.60 27.74
N TYR B 109 12.63 -24.56 28.65
CA TYR B 109 13.20 -25.87 28.36
C TYR B 109 12.12 -26.81 27.85
N LEU B 110 12.55 -27.79 27.07
CA LEU B 110 11.64 -28.74 26.44
C LEU B 110 11.03 -29.67 27.50
N GLN B 111 9.72 -29.84 27.44
CA GLN B 111 9.03 -30.73 28.38
C GLN B 111 8.96 -32.13 27.77
N ASP B 112 8.14 -33.00 28.36
CA ASP B 112 8.12 -34.40 27.94
C ASP B 112 7.28 -34.62 26.69
N ASN B 113 6.11 -34.01 26.60
CA ASN B 113 5.24 -34.18 25.44
C ASN B 113 5.50 -33.10 24.38
N GLU B 114 6.77 -32.91 24.02
CA GLU B 114 7.14 -31.98 22.95
C GLU B 114 8.24 -32.48 22.02
N ALA B 115 8.94 -33.56 22.35
CA ALA B 115 10.08 -34.00 21.56
C ALA B 115 9.81 -35.36 20.92
N THR B 116 10.66 -35.67 19.93
CA THR B 116 10.58 -36.92 19.18
C THR B 116 11.87 -37.73 19.27
N ALA B 117 12.98 -37.12 19.72
CA ALA B 117 14.27 -37.79 19.80
C ALA B 117 14.27 -38.88 20.87
N GLU B 118 15.20 -39.82 20.71
CA GLU B 118 15.27 -41.02 21.53
C GLU B 118 16.21 -40.88 22.73
N ASP B 119 16.53 -39.67 23.16
CA ASP B 119 17.50 -39.50 24.23
C ASP B 119 17.10 -38.27 25.05
N GLN B 120 17.97 -37.92 26.01
CA GLN B 120 17.80 -36.81 26.93
C GLN B 120 18.61 -35.60 26.46
N PRO B 121 18.17 -34.37 26.75
CA PRO B 121 18.83 -33.21 26.14
C PRO B 121 20.21 -32.89 26.70
N THR B 122 20.41 -32.97 28.02
CA THR B 122 21.65 -32.59 28.71
C THR B 122 22.08 -31.17 28.35
N GLN B 123 21.29 -30.22 28.80
CA GLN B 123 21.49 -28.81 28.48
C GLN B 123 22.76 -28.28 29.13
N PRO B 124 23.61 -27.53 28.41
CA PRO B 124 24.82 -26.93 29.01
C PRO B 124 24.55 -25.55 29.61
N ASP B 125 23.71 -25.53 30.64
CA ASP B 125 23.35 -24.28 31.32
C ASP B 125 24.55 -23.68 32.05
N VAL B 126 25.49 -24.51 32.52
CA VAL B 126 26.58 -24.05 33.35
C VAL B 126 27.64 -23.26 32.59
N ALA B 127 27.60 -23.23 31.25
CA ALA B 127 28.70 -22.62 30.52
C ALA B 127 28.31 -21.71 29.37
N THR B 128 27.07 -21.75 28.86
CA THR B 128 26.79 -21.07 27.61
C THR B 128 25.97 -19.79 27.78
N CYS B 129 25.47 -19.52 28.98
CA CYS B 129 24.58 -18.37 29.19
C CYS B 129 25.44 -17.17 29.59
N ARG B 130 25.85 -16.39 28.60
CA ARG B 130 26.63 -15.18 28.81
C ARG B 130 26.36 -14.23 27.66
N PHE B 131 27.00 -13.06 27.70
CA PHE B 131 26.77 -12.01 26.71
C PHE B 131 27.86 -12.03 25.67
N TYR B 132 27.46 -12.18 24.40
CA TYR B 132 28.40 -12.20 23.28
C TYR B 132 28.26 -10.89 22.52
N THR B 133 29.03 -9.89 22.94
CA THR B 133 28.98 -8.56 22.34
C THR B 133 29.74 -8.56 21.03
N LEU B 134 29.03 -8.46 19.92
CA LEU B 134 29.65 -8.46 18.60
C LEU B 134 30.33 -7.12 18.34
N ASP B 135 31.02 -7.03 17.21
CA ASP B 135 31.70 -5.80 16.84
C ASP B 135 30.70 -4.71 16.49
N SER B 136 31.10 -3.47 16.70
CA SER B 136 30.21 -2.34 16.50
C SER B 136 30.23 -1.91 15.04
N ILE B 137 29.05 -1.62 14.51
CA ILE B 137 28.91 -1.06 13.18
C ILE B 137 28.80 0.44 13.32
N GLN B 138 29.12 1.15 12.25
CA GLN B 138 29.10 2.61 12.22
C GLN B 138 27.90 3.05 11.40
N TRP B 139 26.89 3.59 12.07
CA TRP B 139 25.74 4.20 11.40
C TRP B 139 26.18 5.52 10.82
N GLN B 140 26.50 5.54 9.53
CA GLN B 140 26.87 6.79 8.89
C GLN B 140 25.64 7.46 8.29
N LYS B 141 25.87 8.56 7.59
CA LYS B 141 24.77 9.32 7.02
C LYS B 141 24.12 8.61 5.85
N GLU B 142 24.90 7.82 5.13
CA GLU B 142 24.47 7.22 3.86
C GLU B 142 24.31 5.71 3.96
N SER B 143 24.15 5.17 5.16
CA SER B 143 24.00 3.74 5.35
C SER B 143 22.54 3.35 5.19
N ASP B 144 22.32 2.09 4.80
CA ASP B 144 21.00 1.60 4.44
C ASP B 144 20.42 0.55 5.37
N GLY B 145 21.23 -0.29 5.96
CA GLY B 145 20.72 -1.33 6.83
C GLY B 145 21.67 -2.49 6.91
N TRP B 146 21.50 -3.32 7.94
CA TRP B 146 22.36 -4.45 8.21
C TRP B 146 21.52 -5.63 8.66
N TRP B 147 21.97 -6.84 8.31
CA TRP B 147 21.31 -8.04 8.81
C TRP B 147 22.34 -9.08 9.24
N TRP B 148 22.02 -9.81 10.30
CA TRP B 148 22.73 -11.01 10.72
C TRP B 148 21.78 -12.20 10.70
N LYS B 149 22.24 -13.32 10.18
CA LYS B 149 21.48 -14.57 10.24
C LYS B 149 21.88 -15.34 11.49
N PHE B 150 20.89 -15.92 12.16
CA PHE B 150 21.11 -16.67 13.36
C PHE B 150 20.70 -18.13 13.15
N PRO B 151 21.39 -19.10 13.77
CA PRO B 151 22.46 -19.01 14.77
C PRO B 151 23.87 -18.97 14.22
N GLU B 152 24.04 -18.65 12.94
CA GLU B 152 25.38 -18.55 12.38
C GLU B 152 26.14 -17.34 12.91
N ALA B 153 25.44 -16.35 13.47
CA ALA B 153 26.07 -15.16 14.01
C ALA B 153 26.93 -15.42 15.24
N LEU B 154 26.79 -16.58 15.88
CA LEU B 154 27.63 -16.99 16.99
C LEU B 154 28.40 -18.25 16.64
N LYS B 155 28.92 -18.33 15.42
CA LYS B 155 29.61 -19.54 14.98
C LYS B 155 31.01 -19.64 15.57
N ASN B 156 31.69 -18.51 15.75
CA ASN B 156 33.01 -18.48 16.36
C ASN B 156 32.99 -17.95 17.79
N MET B 157 31.83 -17.53 18.29
CA MET B 157 31.75 -16.87 19.59
C MET B 157 31.80 -17.94 20.69
N GLY B 158 33.02 -18.36 21.00
CA GLY B 158 33.28 -19.04 22.25
C GLY B 158 32.75 -20.46 22.30
N LEU B 159 32.21 -20.83 23.46
CA LEU B 159 31.76 -22.19 23.72
C LEU B 159 30.46 -22.51 23.00
N PHE B 160 29.62 -21.50 22.73
CA PHE B 160 28.40 -21.72 21.95
C PHE B 160 28.74 -22.11 20.52
N GLY B 161 29.85 -21.61 19.98
CA GLY B 161 30.30 -22.09 18.68
C GLY B 161 30.83 -23.50 18.74
N GLN B 162 31.39 -23.91 19.88
CA GLN B 162 31.86 -25.28 20.03
C GLN B 162 30.70 -26.26 20.12
N ASN B 163 29.60 -25.85 20.74
CA ASN B 163 28.42 -26.71 20.82
C ASN B 163 27.75 -26.86 19.47
N MET B 164 27.89 -25.85 18.60
CA MET B 164 27.39 -26.01 17.24
C MET B 164 28.24 -26.99 16.45
N GLU B 165 29.50 -27.19 16.85
CA GLU B 165 30.34 -28.19 16.21
C GLU B 165 30.05 -29.58 16.76
N TYR B 166 30.22 -29.75 18.07
CA TYR B 166 30.21 -31.08 18.68
C TYR B 166 28.82 -31.50 19.14
N HIS B 167 27.83 -31.34 18.28
CA HIS B 167 26.47 -31.82 18.52
C HIS B 167 25.81 -32.02 17.17
N TYR B 168 24.58 -32.54 17.20
CA TYR B 168 23.83 -32.76 15.98
C TYR B 168 22.54 -31.95 15.92
N LEU B 169 21.81 -31.86 17.02
CA LEU B 169 20.61 -31.05 17.11
C LEU B 169 20.81 -29.97 18.16
N GLY B 170 20.03 -28.90 18.03
CA GLY B 170 20.13 -27.79 18.95
C GLY B 170 18.85 -26.98 18.99
N ARG B 171 18.67 -26.28 20.10
CA ARG B 171 17.42 -25.54 20.34
C ARG B 171 17.72 -24.44 21.35
N SER B 172 17.49 -23.20 20.96
CA SER B 172 17.93 -22.09 21.80
C SER B 172 17.09 -20.84 21.51
N GLY B 173 16.75 -20.11 22.57
CA GLY B 173 16.23 -18.77 22.45
C GLY B 173 17.34 -17.75 22.66
N TYR B 174 17.06 -16.50 22.31
CA TYR B 174 18.13 -15.47 22.40
C TYR B 174 17.56 -14.19 23.01
N THR B 175 18.42 -13.33 23.52
CA THR B 175 17.99 -12.03 24.06
C THR B 175 18.86 -10.97 23.39
N ILE B 176 18.53 -10.61 22.15
CA ILE B 176 19.32 -9.61 21.40
C ILE B 176 19.11 -8.25 22.06
N HIS B 177 20.18 -7.62 22.49
CA HIS B 177 20.13 -6.29 23.06
C HIS B 177 20.91 -5.35 22.15
N VAL B 178 20.25 -4.34 21.61
CA VAL B 178 20.83 -3.41 20.66
C VAL B 178 20.79 -2.02 21.28
N GLN B 179 21.93 -1.34 21.27
CA GLN B 179 21.97 0.02 21.82
C GLN B 179 22.96 0.87 21.04
N CYS B 180 22.69 2.17 21.03
CA CYS B 180 23.46 3.15 20.29
C CYS B 180 24.04 4.20 21.25
N ASN B 181 25.14 4.82 20.84
CA ASN B 181 25.78 5.89 21.62
C ASN B 181 25.76 7.16 20.77
N ALA B 182 24.68 7.91 20.87
CA ALA B 182 24.56 9.17 20.18
C ALA B 182 24.47 10.31 21.19
N SER B 183 24.74 11.52 20.71
CA SER B 183 24.60 12.70 21.53
C SER B 183 23.16 13.21 21.45
N LYS B 184 22.90 14.35 22.08
CA LYS B 184 21.60 14.97 21.95
C LYS B 184 21.49 15.86 20.71
N PHE B 185 22.59 16.02 19.98
CA PHE B 185 22.63 16.83 18.78
C PHE B 185 22.61 15.97 17.52
N HIS B 186 22.46 14.66 17.67
CA HIS B 186 22.22 13.73 16.58
C HIS B 186 20.73 13.45 16.45
N GLN B 187 20.33 12.99 15.28
CA GLN B 187 18.94 12.60 15.06
C GLN B 187 18.90 11.41 14.11
N GLY B 188 17.86 10.60 14.25
CA GLY B 188 17.71 9.42 13.42
C GLY B 188 16.76 8.44 14.07
N CYS B 189 16.45 7.39 13.32
CA CYS B 189 15.50 6.38 13.76
C CYS B 189 15.87 5.05 13.15
N LEU B 190 15.89 4.00 13.99
CA LEU B 190 16.17 2.65 13.53
C LEU B 190 14.97 1.75 13.81
N LEU B 191 14.84 0.71 12.99
CA LEU B 191 13.87 -0.35 13.22
C LEU B 191 14.64 -1.65 13.36
N VAL B 192 14.46 -2.32 14.49
CA VAL B 192 15.24 -3.51 14.84
C VAL B 192 14.27 -4.69 14.84
N VAL B 193 14.32 -5.50 13.79
CA VAL B 193 13.35 -6.58 13.58
C VAL B 193 14.04 -7.92 13.83
N CYS B 194 13.28 -8.89 14.32
CA CYS B 194 13.70 -10.29 14.31
C CYS B 194 12.72 -11.07 13.43
N VAL B 195 13.19 -11.51 12.27
CA VAL B 195 12.34 -12.09 11.23
C VAL B 195 12.51 -13.60 11.27
N PRO B 196 11.53 -14.36 11.74
CA PRO B 196 11.64 -15.82 11.68
C PRO B 196 11.46 -16.33 10.26
N GLU B 197 12.39 -17.19 9.85
CA GLU B 197 12.46 -17.80 8.51
C GLU B 197 12.49 -16.73 7.41
N ALA B 198 13.50 -15.87 7.49
CA ALA B 198 13.67 -14.80 6.52
C ALA B 198 14.42 -15.34 5.31
N GLU B 199 13.72 -16.15 4.53
CA GLU B 199 14.28 -16.67 3.28
C GLU B 199 14.41 -15.53 2.28
N MET B 200 15.53 -15.48 1.58
CA MET B 200 15.89 -14.33 0.77
C MET B 200 16.02 -14.71 -0.69
N GLY B 201 15.59 -13.81 -1.57
CA GLY B 201 15.67 -14.04 -2.98
C GLY B 201 16.99 -13.57 -3.57
N CYS B 202 17.27 -14.01 -4.78
CA CYS B 202 18.55 -13.74 -5.41
C CYS B 202 18.48 -12.47 -6.25
N SER B 203 19.66 -11.88 -6.50
CA SER B 203 19.74 -10.67 -7.29
C SER B 203 19.52 -10.93 -8.77
N ASP B 204 19.69 -12.17 -9.21
CA ASP B 204 19.42 -12.57 -10.58
C ASP B 204 18.27 -13.56 -10.55
N VAL B 205 17.20 -13.26 -11.28
CA VAL B 205 16.13 -14.25 -11.43
C VAL B 205 16.61 -15.39 -12.31
N GLU B 206 15.94 -16.53 -12.18
CA GLU B 206 16.33 -17.82 -12.77
C GLU B 206 17.73 -18.23 -12.32
N ARG B 207 18.05 -17.95 -11.05
CA ARG B 207 19.31 -18.32 -10.45
C ARG B 207 19.10 -18.48 -8.95
N GLU B 208 20.13 -18.95 -8.25
CA GLU B 208 20.02 -19.24 -6.83
C GLU B 208 21.17 -18.62 -6.06
N VAL B 209 20.92 -18.38 -4.77
CA VAL B 209 21.94 -17.80 -3.90
C VAL B 209 22.97 -18.85 -3.50
N VAL B 210 24.11 -18.37 -3.02
CA VAL B 210 25.08 -19.21 -2.35
C VAL B 210 25.04 -18.89 -0.86
N ALA B 211 25.67 -19.75 -0.07
CA ALA B 211 25.71 -19.53 1.37
C ALA B 211 26.66 -18.42 1.77
N ALA B 212 27.62 -18.09 0.91
CA ALA B 212 28.58 -17.03 1.21
C ALA B 212 28.00 -15.64 1.04
N SER B 213 26.83 -15.51 0.40
CA SER B 213 26.19 -14.23 0.21
C SER B 213 25.01 -14.02 1.16
N LEU B 214 24.56 -15.06 1.83
CA LEU B 214 23.47 -14.90 2.80
C LEU B 214 23.95 -14.23 4.06
N SER B 215 25.09 -14.67 4.59
CA SER B 215 25.57 -14.14 5.86
C SER B 215 27.06 -14.40 6.00
N SER B 216 27.75 -13.45 6.62
CA SER B 216 29.07 -13.71 7.16
C SER B 216 28.93 -14.34 8.55
N GLU B 217 30.05 -14.81 9.09
CA GLU B 217 29.98 -15.56 10.33
C GLU B 217 29.78 -14.66 11.55
N ASP B 218 30.34 -13.45 11.55
CA ASP B 218 30.18 -12.56 12.70
C ASP B 218 29.93 -11.11 12.32
N THR B 219 30.17 -10.71 11.08
CA THR B 219 29.98 -9.33 10.66
C THR B 219 28.67 -9.18 9.91
N ALA B 220 28.18 -7.95 9.86
CA ALA B 220 26.89 -7.67 9.26
C ALA B 220 26.95 -7.75 7.74
N LYS B 221 25.78 -7.86 7.14
CA LYS B 221 25.61 -7.79 5.70
C LYS B 221 24.79 -6.56 5.37
N SER B 222 25.29 -5.72 4.47
CA SER B 222 24.69 -4.42 4.24
C SER B 222 23.59 -4.48 3.19
N PHE B 223 22.47 -3.83 3.48
CA PHE B 223 21.50 -3.50 2.45
C PHE B 223 22.05 -2.39 1.56
N SER B 224 21.38 -2.16 0.44
CA SER B 224 21.85 -1.17 -0.53
C SER B 224 20.70 -0.27 -0.93
N ARG B 225 21.05 0.97 -1.27
CA ARG B 225 20.04 1.92 -1.75
C ARG B 225 19.60 1.57 -3.16
N THR B 226 20.56 1.27 -4.03
CA THR B 226 20.30 0.96 -5.43
C THR B 226 20.06 -0.54 -5.59
N GLU B 227 20.00 -0.98 -6.84
CA GLU B 227 19.77 -2.38 -7.17
C GLU B 227 21.08 -3.15 -7.24
N SER B 228 21.14 -4.28 -6.54
CA SER B 228 22.25 -5.20 -6.72
C SER B 228 22.08 -5.96 -8.03
N ASN B 229 23.20 -6.41 -8.60
CA ASN B 229 23.14 -6.95 -9.95
C ASN B 229 24.03 -8.18 -10.15
N GLY B 230 24.44 -8.86 -9.09
CA GLY B 230 25.33 -9.98 -9.21
C GLY B 230 24.66 -11.22 -9.75
N GLN B 231 25.45 -12.30 -9.86
CA GLN B 231 24.94 -13.56 -10.37
C GLN B 231 24.36 -14.43 -9.27
N HIS B 232 25.10 -14.65 -8.19
CA HIS B 232 24.67 -15.51 -7.10
C HIS B 232 24.49 -14.74 -5.79
N THR B 233 24.29 -13.43 -5.85
CA THR B 233 24.19 -12.62 -4.65
C THR B 233 22.73 -12.52 -4.21
N VAL B 234 22.47 -11.67 -3.23
CA VAL B 234 21.13 -11.44 -2.71
C VAL B 234 20.64 -10.11 -3.25
N GLN B 235 19.34 -10.01 -3.53
CA GLN B 235 18.76 -8.73 -3.89
C GLN B 235 18.74 -7.85 -2.65
N THR B 236 19.79 -7.04 -2.49
CA THR B 236 20.02 -6.27 -1.27
C THR B 236 19.45 -4.87 -1.35
N VAL B 237 18.40 -4.65 -2.13
CA VAL B 237 17.78 -3.34 -2.14
C VAL B 237 17.01 -3.17 -0.84
N VAL B 238 16.94 -1.93 -0.36
CA VAL B 238 16.60 -1.75 1.04
C VAL B 238 15.09 -1.72 1.26
N TYR B 239 14.32 -1.20 0.31
CA TYR B 239 12.89 -1.02 0.55
C TYR B 239 12.09 -2.29 0.31
N ASN B 240 12.73 -3.36 -0.17
CA ASN B 240 12.08 -4.65 -0.31
C ASN B 240 12.60 -5.68 0.68
N ALA B 241 13.58 -5.30 1.51
CA ALA B 241 14.06 -6.03 2.68
C ALA B 241 14.64 -7.40 2.33
N GLY B 242 15.02 -7.64 1.07
CA GLY B 242 15.54 -8.91 0.66
C GLY B 242 14.54 -10.04 0.55
N MET B 243 13.27 -9.81 0.91
CA MET B 243 12.25 -10.84 0.88
C MET B 243 11.13 -10.55 -0.10
N GLY B 244 11.15 -9.40 -0.77
CA GLY B 244 10.12 -9.07 -1.73
C GLY B 244 8.86 -8.47 -1.16
N VAL B 245 8.96 -7.80 -0.01
CA VAL B 245 7.82 -7.28 0.71
C VAL B 245 7.98 -5.77 0.86
N GLY B 246 7.04 -5.12 1.52
CA GLY B 246 7.23 -3.73 1.89
C GLY B 246 8.02 -3.62 3.18
N VAL B 247 8.99 -2.70 3.20
CA VAL B 247 9.88 -2.59 4.35
C VAL B 247 9.15 -2.00 5.55
N GLY B 248 8.08 -1.23 5.33
CA GLY B 248 7.30 -0.74 6.42
C GLY B 248 6.40 -1.77 7.07
N ASN B 249 6.31 -2.95 6.48
CA ASN B 249 5.40 -3.99 7.01
C ASN B 249 6.18 -5.01 7.81
N LEU B 250 7.47 -4.77 8.05
CA LEU B 250 8.32 -5.70 8.82
C LEU B 250 7.98 -5.50 10.29
N THR B 251 7.10 -4.56 10.59
CA THR B 251 6.66 -4.29 11.96
C THR B 251 5.78 -5.44 12.43
N ILE B 252 5.39 -6.33 11.53
CA ILE B 252 4.55 -7.53 11.89
C ILE B 252 5.33 -8.45 12.83
N PHE B 253 6.64 -8.63 12.62
CA PHE B 253 7.49 -9.51 13.45
C PHE B 253 7.91 -8.80 14.74
N PRO B 254 8.41 -9.48 15.79
CA PRO B 254 8.93 -8.79 16.99
C PRO B 254 9.88 -7.63 16.66
N HIS B 255 9.63 -6.40 17.13
CA HIS B 255 10.43 -5.27 16.72
C HIS B 255 10.47 -4.21 17.80
N GLN B 256 11.33 -3.23 17.58
CA GLN B 256 11.58 -2.13 18.49
C GLN B 256 12.05 -0.96 17.64
N TRP B 257 11.71 0.25 18.08
CA TRP B 257 12.17 1.45 17.40
C TRP B 257 13.18 2.18 18.27
N ILE B 258 14.39 2.37 17.75
CA ILE B 258 15.38 3.21 18.39
C ILE B 258 15.23 4.59 17.73
N ASN B 259 14.59 5.50 18.44
CA ASN B 259 14.46 6.89 18.03
C ASN B 259 15.39 7.71 18.90
N LEU B 260 16.43 8.28 18.29
CA LEU B 260 17.52 8.91 19.04
C LEU B 260 17.07 10.12 19.84
N ARG B 261 15.92 10.70 19.52
CA ARG B 261 15.36 11.79 20.32
C ARG B 261 14.98 11.31 21.71
N THR B 262 14.35 10.14 21.81
CA THR B 262 13.83 9.65 23.09
C THR B 262 14.42 8.31 23.51
N ASN B 263 14.54 7.36 22.60
CA ASN B 263 15.02 6.03 22.92
C ASN B 263 16.52 5.93 22.67
N ASN B 264 17.15 4.96 23.31
CA ASN B 264 18.59 4.78 23.11
C ASN B 264 18.91 3.33 22.81
N SER B 265 18.13 2.42 23.37
CA SER B 265 18.42 1.00 23.34
C SER B 265 17.18 0.23 22.91
N ALA B 266 17.40 -1.05 22.62
CA ALA B 266 16.35 -1.95 22.18
C ALA B 266 16.74 -3.37 22.57
N THR B 267 15.80 -4.11 23.12
CA THR B 267 16.07 -5.46 23.62
C THR B 267 14.91 -6.38 23.32
N ILE B 268 15.16 -7.39 22.49
CA ILE B 268 14.15 -8.32 22.01
C ILE B 268 14.51 -9.71 22.50
N VAL B 269 13.54 -10.42 23.04
CA VAL B 269 13.73 -11.76 23.61
C VAL B 269 13.06 -12.75 22.68
N MET B 270 13.84 -13.39 21.81
CA MET B 270 13.27 -14.32 20.83
C MET B 270 13.22 -15.73 21.38
N PRO B 271 12.10 -16.43 21.25
CA PRO B 271 12.05 -17.85 21.61
C PRO B 271 12.54 -18.69 20.44
N TYR B 272 12.47 -20.01 20.60
CA TYR B 272 12.81 -20.93 19.52
C TYR B 272 11.56 -21.22 18.71
N ILE B 273 11.59 -20.83 17.44
CA ILE B 273 10.46 -21.05 16.53
C ILE B 273 10.94 -21.97 15.42
N ASN B 274 10.28 -23.11 15.29
CA ASN B 274 10.54 -24.07 14.23
C ASN B 274 9.30 -24.94 14.09
N SER B 275 9.28 -25.77 13.04
CA SER B 275 8.23 -26.76 12.88
C SER B 275 8.62 -28.12 13.44
N VAL B 276 9.88 -28.28 13.84
CA VAL B 276 10.37 -29.48 14.52
C VAL B 276 10.89 -29.04 15.88
N PRO B 277 10.94 -29.94 16.87
CA PRO B 277 11.41 -29.51 18.19
C PRO B 277 12.89 -29.22 18.26
N MET B 278 13.70 -29.78 17.36
CA MET B 278 15.13 -29.56 17.36
C MET B 278 15.64 -29.69 15.94
N ASP B 279 16.49 -28.76 15.52
CA ASP B 279 17.04 -28.79 14.18
C ASP B 279 18.56 -28.71 14.24
N ASN B 280 19.19 -29.08 13.14
CA ASN B 280 20.65 -29.01 13.03
C ASN B 280 21.03 -27.57 12.71
N MET B 281 21.78 -26.95 13.59
CA MET B 281 22.11 -25.53 13.45
C MET B 281 23.41 -25.28 12.69
N PHE B 282 23.51 -25.88 11.52
CA PHE B 282 24.44 -25.49 10.45
C PHE B 282 23.74 -25.14 9.16
N ARG B 283 22.74 -25.94 8.78
CA ARG B 283 22.00 -25.72 7.54
C ARG B 283 20.87 -24.72 7.71
N HIS B 284 20.18 -24.76 8.84
CA HIS B 284 19.00 -23.95 9.05
C HIS B 284 19.36 -22.62 9.68
N TYR B 285 18.74 -21.54 9.17
CA TYR B 285 18.82 -20.22 9.76
C TYR B 285 17.51 -19.96 10.48
N ASN B 286 17.56 -19.85 11.80
CA ASN B 286 16.33 -19.77 12.58
C ASN B 286 15.63 -18.43 12.39
N PHE B 287 16.37 -17.33 12.51
CA PHE B 287 15.80 -16.01 12.27
C PHE B 287 16.89 -15.09 11.77
N THR B 288 16.48 -13.87 11.41
CA THR B 288 17.36 -12.84 10.93
C THR B 288 17.09 -11.56 11.72
N LEU B 289 18.16 -10.95 12.22
CA LEU B 289 18.06 -9.67 12.93
C LEU B 289 18.41 -8.56 11.95
N MET B 290 17.41 -7.76 11.57
CA MET B 290 17.60 -6.65 10.67
C MET B 290 17.55 -5.33 11.43
N ILE B 291 18.44 -4.42 11.09
CA ILE B 291 18.48 -3.07 11.67
C ILE B 291 18.47 -2.09 10.51
N ILE B 292 17.36 -1.42 10.29
CA ILE B 292 17.15 -0.55 9.13
C ILE B 292 16.91 0.86 9.63
N PRO B 293 17.63 1.86 9.12
CA PRO B 293 17.32 3.26 9.47
C PRO B 293 16.21 3.83 8.59
N PHE B 294 15.10 4.20 9.22
CA PHE B 294 14.00 4.79 8.46
C PHE B 294 14.15 6.29 8.29
N ALA B 295 14.53 7.00 9.35
CA ALA B 295 14.94 8.40 9.26
C ALA B 295 16.45 8.44 9.31
N LYS B 296 17.08 9.03 8.31
CA LYS B 296 18.52 8.94 8.19
C LYS B 296 19.22 9.83 9.20
N LEU B 297 20.48 9.54 9.45
CA LEU B 297 21.25 10.23 10.48
C LEU B 297 21.68 11.60 9.97
N GLU B 298 21.39 12.63 10.75
CA GLU B 298 21.82 13.99 10.46
C GLU B 298 22.58 14.53 11.64
N TYR B 299 23.54 15.41 11.35
CA TYR B 299 24.37 16.04 12.36
C TYR B 299 24.97 17.29 11.73
N THR B 300 25.44 18.19 12.58
CA THR B 300 26.13 19.38 12.09
C THR B 300 27.62 19.09 11.98
N GLU B 301 28.42 20.13 11.79
CA GLU B 301 29.83 19.94 11.45
C GLU B 301 30.72 19.70 12.66
N GLN B 302 30.28 20.04 13.86
CA GLN B 302 31.06 19.73 15.05
C GLN B 302 31.05 18.25 15.38
N ALA B 303 30.06 17.50 14.91
CA ALA B 303 29.71 16.24 15.52
C ALA B 303 30.53 15.11 14.93
N SER B 304 30.69 14.06 15.71
CA SER B 304 31.29 12.84 15.20
C SER B 304 30.35 12.22 14.18
N ASN B 305 30.88 11.89 13.01
CA ASN B 305 30.04 11.63 11.85
C ASN B 305 29.66 10.16 11.72
N TYR B 306 29.22 9.57 12.84
CA TYR B 306 28.72 8.21 12.91
C TYR B 306 28.16 8.02 14.31
N VAL B 307 27.31 6.99 14.43
CA VAL B 307 26.77 6.56 15.71
C VAL B 307 27.06 5.07 15.81
N PRO B 308 27.81 4.61 16.80
CA PRO B 308 28.08 3.17 16.91
C PRO B 308 26.87 2.42 17.43
N ILE B 309 26.47 1.37 16.70
CA ILE B 309 25.40 0.48 17.12
C ILE B 309 26.05 -0.81 17.59
N THR B 310 25.82 -1.15 18.86
CA THR B 310 26.43 -2.31 19.48
C THR B 310 25.37 -3.35 19.76
N VAL B 311 25.53 -4.54 19.19
CA VAL B 311 24.59 -5.64 19.38
C VAL B 311 25.20 -6.62 20.38
N THR B 312 24.37 -7.15 21.28
CA THR B 312 24.80 -8.08 22.31
C THR B 312 23.79 -9.21 22.39
N VAL B 313 24.23 -10.43 22.09
CA VAL B 313 23.37 -11.60 22.03
C VAL B 313 23.67 -12.50 23.21
N ALA B 314 22.63 -12.90 23.93
CA ALA B 314 22.75 -13.83 25.04
C ALA B 314 21.83 -15.02 24.81
N PRO B 315 22.36 -16.23 24.63
CA PRO B 315 21.50 -17.39 24.40
C PRO B 315 20.72 -17.77 25.64
N MET B 316 19.56 -18.38 25.43
CA MET B 316 18.64 -18.72 26.51
C MET B 316 18.17 -20.15 26.37
N CYS B 317 18.33 -20.94 27.44
CA CYS B 317 17.79 -22.29 27.57
C CYS B 317 18.28 -23.23 26.47
N ALA B 318 19.56 -23.13 26.15
CA ALA B 318 20.12 -23.92 25.06
C ALA B 318 20.26 -25.38 25.46
N GLU B 319 19.79 -26.27 24.59
CA GLU B 319 19.86 -27.70 24.85
C GLU B 319 20.08 -28.43 23.54
N TYR B 320 20.77 -29.57 23.61
CA TYR B 320 21.28 -30.24 22.43
C TYR B 320 20.95 -31.72 22.43
N ASN B 321 21.52 -32.46 21.47
CA ASN B 321 21.48 -33.92 21.38
C ASN B 321 22.48 -34.36 20.31
N GLY B 322 22.98 -35.58 20.46
CA GLY B 322 23.84 -36.13 19.44
C GLY B 322 25.32 -35.79 19.59
N LEU B 323 25.92 -36.19 20.71
CA LEU B 323 27.34 -35.94 20.95
C LEU B 323 28.20 -36.76 19.98
N ARG B 324 29.11 -36.06 19.29
CA ARG B 324 29.99 -36.67 18.29
C ARG B 324 31.19 -35.74 18.11
N LEU B 325 31.92 -35.91 17.00
CA LEU B 325 33.05 -35.01 16.69
C LEU B 325 32.55 -33.84 15.85
N ALA B 326 33.44 -32.97 15.38
CA ALA B 326 33.03 -31.84 14.50
C ALA B 326 32.99 -32.36 13.06
N SER B 327 31.89 -33.03 12.67
CA SER B 327 31.78 -33.60 11.31
C SER B 327 31.84 -32.51 10.24
N HIS B 328 31.17 -31.38 10.49
CA HIS B 328 31.12 -30.29 9.48
C HIS B 328 31.92 -29.08 9.98
N GLN B 329 32.83 -28.56 9.16
CA GLN B 329 33.68 -27.38 9.55
C GLN B 329 34.39 -27.66 10.88
N SER C 10 -29.04 -31.20 -3.24
CA SER C 10 -29.39 -32.06 -4.38
C SER C 10 -28.26 -33.03 -4.70
N ASN C 11 -28.13 -33.37 -5.97
CA ASN C 11 -27.00 -34.17 -6.46
C ASN C 11 -25.99 -33.29 -7.19
N GLN C 12 -25.78 -32.09 -6.68
CA GLN C 12 -24.94 -31.07 -7.28
C GLN C 12 -23.63 -30.95 -6.52
N PHE C 13 -22.79 -30.02 -6.95
CA PHE C 13 -21.55 -29.69 -6.26
C PHE C 13 -21.50 -28.17 -6.12
N LEU C 14 -21.92 -27.66 -4.97
CA LEU C 14 -21.57 -26.31 -4.55
C LEU C 14 -20.12 -26.28 -4.09
N THR C 15 -19.35 -25.36 -4.67
CA THR C 15 -17.96 -25.21 -4.24
C THR C 15 -17.88 -24.60 -2.85
N SER C 16 -18.89 -23.85 -2.44
CA SER C 16 -18.99 -23.31 -1.08
C SER C 16 -19.95 -24.16 -0.26
N ASP C 17 -19.56 -25.42 -0.04
CA ASP C 17 -20.41 -26.33 0.72
C ASP C 17 -19.55 -27.21 1.60
N ASP C 18 -19.72 -27.10 2.91
CA ASP C 18 -18.95 -27.88 3.87
C ASP C 18 -19.59 -29.26 3.99
N PHE C 19 -18.83 -30.30 3.65
CA PHE C 19 -19.27 -31.67 3.79
C PHE C 19 -18.07 -32.53 4.19
N GLN C 20 -18.32 -33.49 5.06
CA GLN C 20 -17.30 -34.49 5.35
C GLN C 20 -17.17 -35.45 4.18
N SER C 21 -15.96 -35.95 3.98
CA SER C 21 -15.63 -36.89 2.93
C SER C 21 -14.97 -38.10 3.57
N PRO C 22 -14.98 -39.25 2.89
CA PRO C 22 -14.22 -40.38 3.39
C PRO C 22 -12.72 -40.12 3.30
N SER C 23 -12.01 -40.44 4.38
CA SER C 23 -10.56 -40.24 4.41
C SER C 23 -9.88 -41.21 3.46
N ALA C 24 -8.97 -40.68 2.64
CA ALA C 24 -8.21 -41.53 1.73
C ALA C 24 -7.25 -42.42 2.48
N MET C 25 -6.70 -41.91 3.58
CA MET C 25 -5.73 -42.68 4.38
C MET C 25 -6.27 -42.81 5.80
N PRO C 26 -7.29 -43.67 6.09
CA PRO C 26 -7.71 -43.88 7.48
C PRO C 26 -6.57 -44.75 8.03
N GLN C 27 -6.54 -45.02 9.32
CA GLN C 27 -5.52 -45.94 9.88
C GLN C 27 -4.14 -45.29 9.84
N PHE C 28 -4.06 -43.96 9.71
CA PHE C 28 -2.77 -43.23 9.74
C PHE C 28 -2.78 -42.28 10.93
N ASP C 29 -1.72 -42.31 11.74
CA ASP C 29 -1.67 -41.46 12.96
C ASP C 29 -0.95 -40.17 12.65
N VAL C 30 -1.62 -39.03 12.86
CA VAL C 30 -1.03 -37.71 12.50
C VAL C 30 0.07 -37.35 13.50
N THR C 31 1.09 -36.63 13.05
CA THR C 31 2.16 -36.18 13.97
C THR C 31 1.56 -35.30 15.06
N PRO C 32 1.73 -35.59 16.37
CA PRO C 32 1.17 -34.80 17.48
C PRO C 32 1.63 -33.35 17.39
N GLU C 33 0.65 -32.44 17.41
CA GLU C 33 0.96 -31.03 17.25
C GLU C 33 1.65 -30.50 18.50
N MET C 34 2.68 -29.70 18.29
CA MET C 34 3.44 -29.12 19.37
C MET C 34 3.17 -27.62 19.47
N LYS C 35 3.62 -27.05 20.57
CA LYS C 35 3.39 -25.64 20.85
C LYS C 35 4.37 -24.80 20.02
N ILE C 36 3.87 -24.18 18.96
CA ILE C 36 4.62 -23.19 18.20
C ILE C 36 4.12 -21.81 18.62
N PRO C 37 5.00 -20.88 18.96
CA PRO C 37 4.54 -19.56 19.37
C PRO C 37 4.07 -18.72 18.20
N GLY C 38 3.03 -17.93 18.43
CA GLY C 38 2.58 -16.97 17.45
C GLY C 38 1.37 -17.41 16.66
N GLU C 39 0.42 -18.06 17.32
CA GLU C 39 -0.75 -18.58 16.63
C GLU C 39 -1.71 -17.45 16.29
N VAL C 40 -2.25 -17.51 15.08
CA VAL C 40 -3.19 -16.52 14.57
C VAL C 40 -4.56 -17.17 14.52
N HIS C 41 -5.57 -16.49 15.06
CA HIS C 41 -6.93 -16.97 15.00
C HIS C 41 -7.85 -16.10 14.16
N ASN C 42 -7.50 -14.84 13.95
CA ASN C 42 -8.31 -13.90 13.21
C ASN C 42 -7.40 -13.06 12.35
N LEU C 43 -7.85 -12.73 11.15
CA LEU C 43 -7.07 -11.85 10.29
C LEU C 43 -7.00 -10.43 10.80
N MET C 44 -7.93 -10.03 11.67
CA MET C 44 -7.92 -8.67 12.20
C MET C 44 -6.77 -8.43 13.16
N GLU C 45 -6.16 -9.48 13.72
CA GLU C 45 -4.98 -9.29 14.55
C GLU C 45 -3.78 -8.84 13.74
N ILE C 46 -3.73 -9.18 12.46
CA ILE C 46 -2.68 -8.67 11.59
C ILE C 46 -2.93 -7.21 11.22
N ALA C 47 -4.17 -6.77 11.20
CA ALA C 47 -4.48 -5.40 10.84
C ALA C 47 -4.35 -4.42 11.99
N GLU C 48 -4.44 -4.88 13.24
CA GLU C 48 -4.30 -4.01 14.40
C GLU C 48 -2.86 -3.76 14.82
N VAL C 49 -1.90 -4.02 13.96
CA VAL C 49 -0.52 -3.61 14.21
C VAL C 49 -0.24 -2.39 13.36
N ASP C 50 0.66 -1.54 13.85
CA ASP C 50 1.02 -0.35 13.11
C ASP C 50 1.96 -0.71 11.97
N SER C 51 1.79 -0.06 10.84
CA SER C 51 2.69 -0.20 9.72
C SER C 51 3.06 1.18 9.23
N VAL C 52 4.27 1.33 8.71
CA VAL C 52 4.75 2.65 8.32
C VAL C 52 4.06 3.05 7.03
N VAL C 53 3.49 4.24 7.02
CA VAL C 53 2.57 4.67 5.97
C VAL C 53 3.37 5.43 4.91
N PRO C 54 3.30 5.04 3.66
CA PRO C 54 4.01 5.80 2.62
C PRO C 54 3.32 7.09 2.23
N VAL C 55 3.58 8.16 2.99
CA VAL C 55 2.88 9.43 2.75
C VAL C 55 3.52 10.21 1.61
N ASN C 56 4.86 10.12 1.50
CA ASN C 56 5.59 10.96 0.50
C ASN C 56 5.75 10.20 -0.82
N ASN C 57 4.63 9.87 -1.48
CA ASN C 57 4.74 9.23 -2.82
C ASN C 57 4.68 10.33 -3.89
N THR C 58 5.84 10.71 -4.43
CA THR C 58 5.89 11.77 -5.48
C THR C 58 6.33 11.16 -6.82
N LYS C 59 6.49 9.83 -6.89
CA LYS C 59 6.89 9.08 -8.13
C LYS C 59 8.41 9.07 -8.25
N GLU C 60 9.13 9.85 -7.45
CA GLU C 60 10.61 9.80 -7.46
C GLU C 60 11.09 9.27 -6.10
N ASN C 61 10.15 8.89 -5.23
CA ASN C 61 10.53 8.43 -3.86
C ASN C 61 9.99 7.01 -3.66
N ILE C 62 9.01 6.59 -4.48
CA ILE C 62 8.39 5.28 -4.31
C ILE C 62 9.40 4.15 -4.52
N ASN C 63 10.45 4.40 -5.31
CA ASN C 63 11.53 3.45 -5.47
C ASN C 63 12.71 3.76 -4.56
N SER C 64 12.43 4.25 -3.36
CA SER C 64 13.47 4.53 -2.36
C SER C 64 12.80 4.56 -0.99
N MET C 65 13.58 4.90 0.02
CA MET C 65 13.06 5.05 1.38
C MET C 65 12.51 6.45 1.64
N GLU C 66 12.63 7.36 0.68
CA GLU C 66 12.13 8.72 0.82
C GLU C 66 10.62 8.80 0.76
N ALA C 67 9.94 7.72 0.39
CA ALA C 67 8.48 7.64 0.45
C ALA C 67 8.01 7.08 1.77
N TYR C 68 8.73 7.32 2.85
CA TYR C 68 8.25 7.07 4.19
C TYR C 68 8.48 8.25 5.10
N ARG C 69 9.34 9.18 4.69
CA ARG C 69 9.78 10.30 5.51
C ARG C 69 9.06 11.56 5.09
N ILE C 70 8.31 12.16 6.02
CA ILE C 70 7.61 13.41 5.78
C ILE C 70 8.58 14.55 6.11
N PRO C 71 9.01 15.34 5.14
CA PRO C 71 10.03 16.36 5.41
C PRO C 71 9.46 17.58 6.11
N VAL C 72 10.04 17.91 7.26
CA VAL C 72 9.72 19.17 7.94
C VAL C 72 10.94 20.08 7.90
N THR C 73 11.00 20.95 6.90
CA THR C 73 12.10 21.87 6.76
C THR C 73 12.02 22.97 7.81
N GLY C 74 13.18 23.54 8.14
CA GLY C 74 13.29 24.52 9.19
C GLY C 74 13.64 25.89 8.62
N GLY C 75 12.96 26.91 9.11
CA GLY C 75 13.17 28.24 8.60
C GLY C 75 11.95 29.13 8.82
N ASP C 76 11.50 29.78 7.75
CA ASP C 76 10.43 30.77 7.82
C ASP C 76 9.34 30.35 6.83
N GLN C 77 8.42 29.49 7.28
CA GLN C 77 7.21 29.22 6.53
C GLN C 77 5.96 29.66 7.29
N LEU C 78 5.68 29.03 8.45
CA LEU C 78 4.71 29.44 9.46
C LEU C 78 3.25 29.53 9.01
N HIS C 79 2.97 29.28 7.74
CA HIS C 79 1.61 29.30 7.25
C HIS C 79 1.33 28.23 6.20
N THR C 80 2.29 27.37 5.88
CA THR C 80 2.12 26.39 4.82
C THR C 80 1.77 25.04 5.42
N GLN C 81 1.66 24.04 4.55
CA GLN C 81 1.21 22.72 4.91
C GLN C 81 2.39 21.75 4.98
N VAL C 82 2.27 20.77 5.87
CA VAL C 82 3.26 19.72 5.96
C VAL C 82 2.86 18.58 5.01
N PHE C 83 1.67 18.04 5.22
CA PHE C 83 1.15 16.97 4.35
C PHE C 83 -0.37 17.04 4.34
N GLY C 84 -0.99 16.01 3.78
CA GLY C 84 -2.42 15.86 3.77
C GLY C 84 -2.85 14.74 2.84
N PHE C 85 -3.84 13.95 3.25
CA PHE C 85 -4.30 12.86 2.42
C PHE C 85 -5.78 12.63 2.64
N GLN C 86 -6.38 11.89 1.71
CA GLN C 86 -7.77 11.50 1.84
C GLN C 86 -7.86 10.24 2.67
N MET C 87 -8.67 10.27 3.73
CA MET C 87 -8.66 9.21 4.74
C MET C 87 -9.61 8.09 4.32
N GLN C 88 -9.11 7.21 3.44
CA GLN C 88 -9.91 6.04 2.99
C GLN C 88 -8.98 4.83 2.93
N PRO C 89 -8.87 4.02 4.01
CA PRO C 89 -7.91 2.90 4.03
C PRO C 89 -8.22 1.79 3.00
N GLY C 90 -7.17 1.28 2.34
CA GLY C 90 -7.35 0.17 1.37
C GLY C 90 -7.71 0.68 -0.02
N LEU C 91 -7.96 1.98 -0.17
CA LEU C 91 -8.22 2.54 -1.53
C LEU C 91 -7.20 3.64 -1.83
N ASN C 92 -6.76 4.37 -0.80
CA ASN C 92 -5.82 5.50 -1.01
C ASN C 92 -4.43 4.97 -1.38
N SER C 93 -3.73 5.63 -2.31
CA SER C 93 -2.35 5.24 -2.66
C SER C 93 -1.49 5.30 -1.39
N VAL C 94 -1.94 6.06 -0.40
CA VAL C 94 -1.21 6.24 0.84
C VAL C 94 -1.40 5.03 1.75
N PHE C 95 -2.55 4.36 1.66
CA PHE C 95 -2.91 3.34 2.64
C PHE C 95 -3.11 1.94 2.06
N LYS C 96 -3.18 1.78 0.74
CA LYS C 96 -3.60 0.49 0.20
C LYS C 96 -2.51 -0.57 0.22
N ARG C 97 -1.28 -0.22 0.57
CA ARG C 97 -0.20 -1.20 0.61
C ARG C 97 0.31 -1.48 2.01
N THR C 98 -0.23 -0.81 3.03
CA THR C 98 0.15 -1.07 4.40
C THR C 98 -0.53 -2.34 4.89
N LEU C 99 -0.29 -2.75 6.14
CA LEU C 99 -0.87 -4.04 6.58
C LEU C 99 -2.40 -3.93 6.67
N LEU C 100 -2.93 -2.80 7.14
CA LEU C 100 -4.40 -2.59 7.25
C LEU C 100 -5.03 -2.59 5.86
N GLY C 101 -4.38 -1.96 4.90
CA GLY C 101 -4.99 -1.80 3.56
C GLY C 101 -4.63 -2.95 2.65
N GLU C 102 -3.92 -3.95 3.15
CA GLU C 102 -3.69 -5.15 2.30
C GLU C 102 -4.75 -6.16 2.71
N ILE C 103 -5.18 -6.11 3.97
CA ILE C 103 -6.24 -6.99 4.43
C ILE C 103 -7.60 -6.49 3.96
N LEU C 104 -7.78 -5.16 3.88
CA LEU C 104 -9.03 -4.60 3.41
C LEU C 104 -9.27 -4.89 1.93
N ASN C 105 -8.22 -5.09 1.15
CA ASN C 105 -8.40 -5.41 -0.26
C ASN C 105 -8.83 -6.85 -0.49
N TYR C 106 -8.73 -7.71 0.51
CA TYR C 106 -9.25 -9.07 0.45
C TYR C 106 -10.74 -9.14 0.72
N TYR C 107 -11.37 -8.05 1.11
CA TYR C 107 -12.78 -8.03 1.46
C TYR C 107 -13.46 -6.90 0.71
N ALA C 108 -14.78 -7.02 0.57
CA ALA C 108 -15.54 -6.00 -0.14
C ALA C 108 -16.18 -4.98 0.77
N HIS C 109 -16.43 -5.32 2.03
CA HIS C 109 -17.00 -4.39 2.99
C HIS C 109 -16.03 -4.23 4.15
N TRP C 110 -16.09 -3.06 4.78
CA TRP C 110 -15.25 -2.78 5.94
C TRP C 110 -15.97 -1.79 6.83
N SER C 111 -15.61 -1.79 8.12
CA SER C 111 -16.25 -0.94 9.11
C SER C 111 -15.34 -0.83 10.31
N GLY C 112 -15.07 0.38 10.76
CA GLY C 112 -14.30 0.57 11.97
C GLY C 112 -13.50 1.85 11.90
N SER C 113 -12.68 2.05 12.94
CA SER C 113 -11.86 3.23 13.10
C SER C 113 -10.44 2.97 12.60
N VAL C 114 -9.74 4.06 12.29
CA VAL C 114 -8.33 4.03 11.91
C VAL C 114 -7.56 4.85 12.92
N LYS C 115 -6.45 4.32 13.41
CA LYS C 115 -5.61 4.98 14.39
C LYS C 115 -4.30 5.39 13.73
N LEU C 116 -4.03 6.68 13.70
CA LEU C 116 -2.80 7.21 13.14
C LEU C 116 -1.86 7.63 14.27
N THR C 117 -0.57 7.55 14.01
CA THR C 117 0.45 7.93 14.99
C THR C 117 1.59 8.58 14.24
N PHE C 118 1.95 9.78 14.64
CA PHE C 118 2.98 10.56 13.97
C PHE C 118 4.15 10.73 14.93
N VAL C 119 5.32 10.26 14.53
CA VAL C 119 6.51 10.24 15.38
C VAL C 119 7.49 11.26 14.81
N PHE C 120 7.89 12.22 15.65
CA PHE C 120 8.82 13.26 15.22
C PHE C 120 10.24 12.77 15.39
N CYS C 121 10.91 12.50 14.28
CA CYS C 121 12.26 11.92 14.30
C CYS C 121 13.31 13.01 14.14
N GLY C 122 13.32 13.94 15.09
CA GLY C 122 14.28 15.01 15.10
C GLY C 122 15.21 14.90 16.28
N SER C 123 16.01 15.93 16.55
CA SER C 123 16.89 15.88 17.70
C SER C 123 16.14 16.37 18.94
N ALA C 124 16.64 15.96 20.11
CA ALA C 124 16.01 16.33 21.38
C ALA C 124 16.12 17.81 21.70
N MET C 125 16.98 18.54 20.99
CA MET C 125 17.13 19.97 21.17
C MET C 125 16.17 20.78 20.31
N ALA C 126 15.40 20.13 19.44
CA ALA C 126 14.50 20.83 18.54
C ALA C 126 13.13 21.02 19.19
N THR C 127 12.47 22.11 18.81
CA THR C 127 11.19 22.50 19.38
C THR C 127 10.35 23.15 18.30
N GLY C 128 9.06 22.84 18.31
CA GLY C 128 8.14 23.42 17.34
C GLY C 128 6.73 23.01 17.71
N LYS C 129 5.80 23.40 16.83
CA LYS C 129 4.39 23.10 17.03
C LYS C 129 3.74 22.84 15.69
N PHE C 130 2.95 21.77 15.62
CA PHE C 130 2.19 21.44 14.43
C PHE C 130 0.71 21.38 14.77
N LEU C 131 -0.12 21.73 13.80
CA LEU C 131 -1.57 21.70 13.95
C LEU C 131 -2.07 20.52 13.12
N LEU C 132 -2.59 19.50 13.79
CA LEU C 132 -3.03 18.27 13.13
C LEU C 132 -4.54 18.31 13.02
N ALA C 133 -5.04 18.69 11.85
CA ALA C 133 -6.46 18.86 11.65
C ALA C 133 -7.09 17.63 11.02
N TYR C 134 -8.34 17.36 11.37
CA TYR C 134 -9.13 16.31 10.76
C TYR C 134 -10.44 16.91 10.27
N SER C 135 -10.78 16.63 9.02
CA SER C 135 -12.05 17.12 8.51
C SER C 135 -13.05 15.97 8.38
N PRO C 136 -14.34 16.22 8.58
CA PRO C 136 -15.35 15.16 8.51
C PRO C 136 -15.56 14.70 7.08
N PRO C 137 -16.31 13.60 6.86
CA PRO C 137 -16.51 13.10 5.49
C PRO C 137 -17.21 14.06 4.54
N GLY C 138 -18.34 14.66 4.87
CA GLY C 138 -18.85 15.67 3.93
C GLY C 138 -18.33 17.06 4.21
N ALA C 139 -17.03 17.30 3.99
CA ALA C 139 -16.40 18.60 4.31
C ALA C 139 -15.19 18.83 3.42
N SER C 140 -14.84 20.07 3.11
CA SER C 140 -13.71 20.35 2.20
C SER C 140 -12.39 20.33 2.97
N PRO C 141 -11.24 20.04 2.32
CA PRO C 141 -9.96 20.10 3.00
C PRO C 141 -9.69 21.54 3.44
N PRO C 142 -9.11 21.81 4.63
CA PRO C 142 -8.76 23.17 5.01
C PRO C 142 -7.70 23.75 4.06
N GLN C 143 -7.77 25.06 3.76
CA GLN C 143 -6.84 25.66 2.75
C GLN C 143 -5.71 26.43 3.45
N ASN C 144 -5.95 26.99 4.63
CA ASN C 144 -4.88 27.61 5.40
C ASN C 144 -4.97 27.14 6.84
N ARG C 145 -4.08 27.65 7.68
CA ARG C 145 -4.03 27.23 9.08
C ARG C 145 -5.19 27.79 9.88
N LYS C 146 -5.75 28.92 9.45
CA LYS C 146 -6.89 29.49 10.16
C LYS C 146 -8.16 28.70 9.93
N GLN C 147 -8.35 28.16 8.72
CA GLN C 147 -9.50 27.30 8.46
C GLN C 147 -9.37 25.97 9.19
N ALA C 148 -8.15 25.44 9.29
CA ALA C 148 -7.94 24.18 9.99
C ALA C 148 -8.06 24.32 11.49
N MET C 149 -7.87 25.53 12.02
CA MET C 149 -7.98 25.73 13.46
C MET C 149 -9.44 25.64 13.91
N LEU C 150 -10.35 26.14 13.11
CA LEU C 150 -11.76 26.15 13.50
C LEU C 150 -12.42 24.79 13.33
N GLY C 151 -11.77 23.85 12.66
CA GLY C 151 -12.26 22.50 12.56
C GLY C 151 -11.89 21.66 13.77
N THR C 152 -11.58 20.39 13.55
CA THR C 152 -11.17 19.49 14.61
C THR C 152 -9.66 19.32 14.54
N HIS C 153 -8.96 19.82 15.56
CA HIS C 153 -7.52 19.85 15.53
C HIS C 153 -6.97 19.47 16.89
N VAL C 154 -5.73 18.99 16.88
CA VAL C 154 -4.91 18.94 18.08
C VAL C 154 -3.66 19.75 17.80
N ILE C 155 -3.03 20.23 18.86
CA ILE C 155 -1.78 20.96 18.77
C ILE C 155 -0.70 20.03 19.30
N TRP C 156 0.21 19.62 18.42
CA TRP C 156 1.26 18.69 18.75
C TRP C 156 2.54 19.50 18.97
N ASP C 157 2.90 19.67 20.23
CA ASP C 157 4.11 20.39 20.61
C ASP C 157 5.22 19.35 20.73
N VAL C 158 6.14 19.36 19.76
CA VAL C 158 7.11 18.27 19.67
C VAL C 158 8.22 18.38 20.69
N GLY C 159 8.32 19.52 21.40
CA GLY C 159 9.24 19.58 22.52
C GLY C 159 8.77 18.81 23.73
N LEU C 160 7.47 18.63 23.89
CA LEU C 160 6.90 17.91 25.01
C LEU C 160 6.65 16.44 24.73
N GLN C 161 6.08 16.11 23.58
CA GLN C 161 5.80 14.75 23.19
C GLN C 161 6.50 14.42 21.89
N SER C 162 6.86 13.16 21.70
CA SER C 162 7.47 12.72 20.47
C SER C 162 6.48 12.06 19.52
N SER C 163 5.38 11.53 20.05
CA SER C 163 4.35 10.89 19.24
C SER C 163 3.01 11.56 19.49
N CYS C 164 2.19 11.66 18.45
CA CYS C 164 0.84 12.22 18.53
C CYS C 164 -0.14 11.19 17.98
N VAL C 165 -0.79 10.46 18.88
CA VAL C 165 -1.77 9.45 18.48
C VAL C 165 -3.07 10.14 18.10
N LEU C 166 -3.55 9.86 16.89
CA LEU C 166 -4.73 10.52 16.34
C LEU C 166 -5.69 9.46 15.84
N CYS C 167 -6.72 9.16 16.63
CA CYS C 167 -7.73 8.17 16.25
C CYS C 167 -8.86 8.85 15.50
N ILE C 168 -9.37 8.18 14.47
CA ILE C 168 -10.29 8.77 13.50
C ILE C 168 -11.64 8.07 13.64
N PRO C 169 -12.74 8.81 13.80
CA PRO C 169 -14.03 8.17 14.05
C PRO C 169 -14.64 7.55 12.79
N TRP C 170 -15.57 6.63 13.02
CA TRP C 170 -16.26 5.92 11.97
C TRP C 170 -17.62 6.57 11.74
N ILE C 171 -17.75 7.28 10.63
CA ILE C 171 -18.98 8.01 10.29
C ILE C 171 -19.44 7.54 8.91
N SER C 172 -20.64 6.95 8.87
CA SER C 172 -21.24 6.53 7.61
C SER C 172 -22.74 6.46 7.80
N GLN C 173 -23.47 6.53 6.69
CA GLN C 173 -24.92 6.39 6.77
C GLN C 173 -25.33 4.95 6.99
N THR C 174 -24.62 4.02 6.38
CA THR C 174 -24.94 2.61 6.43
C THR C 174 -23.97 1.86 7.35
N HIS C 175 -24.18 0.55 7.46
CA HIS C 175 -23.53 -0.25 8.48
C HIS C 175 -22.08 -0.54 8.12
N TYR C 176 -21.84 -1.08 6.94
CA TYR C 176 -20.52 -1.34 6.40
C TYR C 176 -20.23 -0.33 5.31
N ARG C 177 -19.10 -0.48 4.64
CA ARG C 177 -18.75 0.44 3.58
C ARG C 177 -17.93 -0.31 2.54
N LEU C 178 -18.23 -0.04 1.27
CA LEU C 178 -17.53 -0.70 0.18
C LEU C 178 -16.08 -0.22 0.11
N VAL C 179 -15.17 -1.15 -0.17
CA VAL C 179 -13.76 -0.82 -0.17
C VAL C 179 -13.31 -0.31 -1.54
N GLN C 180 -13.71 -1.00 -2.61
CA GLN C 180 -13.24 -0.62 -3.97
C GLN C 180 -14.06 0.55 -4.51
N GLN C 181 -15.33 0.67 -4.09
CA GLN C 181 -16.18 1.80 -4.53
C GLN C 181 -15.54 3.10 -4.03
N ASP C 182 -15.48 4.12 -4.90
CA ASP C 182 -14.86 5.41 -4.52
C ASP C 182 -15.96 6.46 -4.37
N GLU C 183 -16.04 7.09 -3.20
CA GLU C 183 -17.04 8.18 -2.98
C GLU C 183 -16.27 9.45 -2.64
N TYR C 184 -16.01 10.30 -3.64
CA TYR C 184 -15.19 11.52 -3.41
C TYR C 184 -15.90 12.44 -2.41
N THR C 185 -15.12 13.15 -1.59
CA THR C 185 -15.63 14.10 -0.56
C THR C 185 -16.64 13.42 0.37
N SER C 186 -16.36 12.18 0.79
CA SER C 186 -17.25 11.41 1.71
C SER C 186 -16.40 10.50 2.60
N ALA C 187 -15.09 10.74 2.64
CA ALA C 187 -14.12 9.94 3.43
C ALA C 187 -13.47 10.74 4.56
N GLY C 188 -13.18 12.03 4.34
CA GLY C 188 -12.44 12.77 5.40
C GLY C 188 -11.02 13.05 4.97
N TYR C 189 -10.43 14.13 5.48
CA TYR C 189 -9.03 14.46 5.14
C TYR C 189 -8.24 14.68 6.43
N VAL C 190 -6.99 14.23 6.50
CA VAL C 190 -6.14 14.52 7.68
C VAL C 190 -4.96 15.33 7.18
N THR C 191 -4.97 16.64 7.46
CA THR C 191 -3.91 17.53 7.03
C THR C 191 -3.09 17.98 8.24
N CYS C 192 -1.94 18.60 7.98
CA CYS C 192 -1.08 19.09 9.03
C CYS C 192 -0.45 20.41 8.61
N TRP C 193 -0.45 21.37 9.53
CA TRP C 193 -0.03 22.73 9.23
C TRP C 193 1.06 23.16 10.21
N TYR C 194 1.99 23.97 9.71
CA TYR C 194 2.96 24.62 10.57
C TYR C 194 2.26 25.63 11.46
N GLN C 195 2.59 25.61 12.75
CA GLN C 195 2.09 26.59 13.70
C GLN C 195 3.15 27.59 14.10
N THR C 196 4.35 27.14 14.44
CA THR C 196 5.44 28.00 14.86
C THR C 196 6.66 27.88 13.95
N GLY C 197 7.03 26.69 13.52
CA GLY C 197 8.25 26.50 12.77
C GLY C 197 9.04 25.36 13.34
N LEU C 198 10.37 25.49 13.40
CA LEU C 198 11.19 24.49 14.06
C LEU C 198 12.43 25.19 14.58
N ILE C 199 12.50 25.36 15.90
CA ILE C 199 13.53 26.17 16.54
C ILE C 199 14.62 25.24 17.05
N VAL C 200 15.86 25.49 16.62
CA VAL C 200 16.99 24.63 16.96
C VAL C 200 18.12 25.47 17.53
N PRO C 201 18.91 24.95 18.46
CA PRO C 201 20.07 25.69 18.97
C PRO C 201 21.23 25.58 18.01
N PRO C 202 22.32 26.32 18.21
CA PRO C 202 23.49 26.16 17.34
C PRO C 202 24.17 24.82 17.58
N GLY C 203 24.16 23.98 16.56
CA GLY C 203 24.68 22.63 16.64
C GLY C 203 23.69 21.55 16.25
N ALA C 204 22.40 21.85 16.28
CA ALA C 204 21.36 20.92 15.90
C ALA C 204 21.01 21.08 14.44
N PRO C 205 20.66 19.99 13.74
CA PRO C 205 20.28 20.11 12.32
C PRO C 205 18.92 20.76 12.18
N PRO C 206 18.77 21.68 11.21
CA PRO C 206 17.51 22.44 11.10
C PRO C 206 16.33 21.66 10.53
N SER C 207 16.56 20.76 9.60
CA SER C 207 15.49 19.98 8.99
C SER C 207 15.35 18.63 9.68
N CYS C 208 14.16 18.05 9.61
CA CYS C 208 13.82 16.89 10.42
C CYS C 208 12.93 15.95 9.61
N THR C 209 12.27 15.02 10.29
CA THR C 209 11.54 13.94 9.63
C THR C 209 10.42 13.46 10.54
N ILE C 210 9.23 13.25 9.95
CA ILE C 210 8.09 12.62 10.63
C ILE C 210 7.82 11.28 9.97
N LEU C 211 7.42 10.28 10.77
CA LEU C 211 6.94 9.00 10.27
C LEU C 211 5.52 8.75 10.77
N CYS C 212 4.68 8.17 9.91
CA CYS C 212 3.29 7.90 10.24
C CYS C 212 3.05 6.39 10.33
N PHE C 213 2.20 5.98 11.28
CA PHE C 213 1.90 4.58 11.53
C PHE C 213 0.39 4.39 11.63
N ALA C 214 -0.19 3.58 10.76
CA ALA C 214 -1.63 3.37 10.72
C ALA C 214 -1.98 1.94 11.11
N SER C 215 -3.09 1.78 11.81
CA SER C 215 -3.58 0.47 12.18
C SER C 215 -5.10 0.53 12.26
N ALA C 216 -5.69 -0.53 12.78
CA ALA C 216 -7.11 -0.61 13.00
C ALA C 216 -7.40 -0.35 14.48
N CYS C 217 -8.65 -0.50 14.86
CA CYS C 217 -9.02 -0.40 16.27
C CYS C 217 -9.78 -1.65 16.69
N ASN C 218 -10.36 -1.65 17.88
CA ASN C 218 -11.04 -2.83 18.37
C ASN C 218 -12.40 -3.05 17.74
N ASP C 219 -13.02 -2.00 17.19
CA ASP C 219 -14.35 -2.08 16.60
C ASP C 219 -14.32 -2.43 15.12
N PHE C 220 -13.19 -2.94 14.62
CA PHE C 220 -13.00 -3.14 13.20
C PHE C 220 -13.60 -4.45 12.76
N SER C 221 -14.15 -4.47 11.54
CA SER C 221 -14.75 -5.68 10.98
C SER C 221 -14.72 -5.60 9.46
N VAL C 222 -14.74 -6.77 8.83
CA VAL C 222 -14.79 -6.90 7.37
C VAL C 222 -15.84 -7.93 7.00
N ARG C 223 -16.16 -7.98 5.71
CA ARG C 223 -17.21 -8.84 5.18
C ARG C 223 -17.00 -9.01 3.69
N ASN C 224 -17.60 -10.07 3.14
CA ASN C 224 -17.68 -10.37 1.70
C ASN C 224 -16.29 -10.49 1.08
N LEU C 225 -15.60 -11.57 1.47
CA LEU C 225 -14.28 -11.91 0.95
C LEU C 225 -14.29 -12.08 -0.56
N ARG C 226 -13.18 -11.70 -1.18
CA ARG C 226 -13.03 -11.77 -2.63
C ARG C 226 -11.55 -11.89 -2.95
N ASP C 227 -11.16 -11.60 -4.19
CA ASP C 227 -9.73 -11.68 -4.57
C ASP C 227 -9.07 -10.30 -4.51
N THR C 228 -7.80 -10.23 -4.12
CA THR C 228 -7.09 -8.94 -3.97
C THR C 228 -6.90 -8.32 -5.36
N PRO C 229 -7.05 -6.99 -5.51
CA PRO C 229 -6.80 -6.33 -6.79
C PRO C 229 -5.32 -6.34 -7.18
N PHE C 230 -4.42 -6.44 -6.21
CA PHE C 230 -2.95 -6.35 -6.46
C PHE C 230 -2.40 -7.48 -7.33
N ILE C 231 -2.82 -8.74 -7.12
CA ILE C 231 -2.21 -9.83 -7.91
C ILE C 231 -2.89 -9.90 -9.28
N GLU C 232 -2.17 -9.58 -10.36
CA GLU C 232 -2.75 -9.68 -11.72
C GLU C 232 -2.39 -11.00 -12.42
N GLN C 233 -1.36 -11.71 -11.97
CA GLN C 233 -0.95 -12.93 -12.70
C GLN C 233 -2.12 -13.91 -12.68
N THR C 234 -2.33 -14.66 -13.77
CA THR C 234 -3.51 -15.54 -13.83
C THR C 234 -3.09 -16.98 -14.12
N GLN C 235 -2.30 -17.20 -15.18
CA GLN C 235 -1.81 -18.55 -15.54
C GLN C 235 -0.92 -19.11 -14.42
N LEU C 236 -0.86 -20.44 -14.27
CA LEU C 236 -0.01 -21.04 -13.25
C LEU C 236 1.46 -20.74 -13.50
N LEU C 237 2.24 -20.78 -12.43
CA LEU C 237 3.68 -20.60 -12.53
C LEU C 237 4.30 -21.83 -13.16
N GLN C 238 4.91 -21.65 -14.33
CA GLN C 238 5.51 -22.70 -15.16
C GLN C 238 4.55 -23.86 -15.48
N LEU D 1 -30.42 45.19 -15.99
CA LEU D 1 -28.93 45.18 -15.99
C LEU D 1 -28.45 46.63 -15.98
N GLN D 2 -27.53 46.99 -15.07
CA GLN D 2 -27.13 48.41 -14.95
C GLN D 2 -25.78 48.53 -14.22
N GLN D 3 -25.03 49.60 -14.48
CA GLN D 3 -23.72 49.83 -13.82
C GLN D 3 -23.57 51.34 -13.56
N SER D 4 -22.59 51.73 -12.74
CA SER D 4 -22.40 53.17 -12.40
C SER D 4 -22.04 53.97 -13.65
N GLY D 5 -22.38 55.26 -13.68
CA GLY D 5 -21.97 56.12 -14.81
C GLY D 5 -20.52 56.52 -14.66
N ALA D 6 -19.85 56.87 -15.78
CA ALA D 6 -18.41 57.22 -15.76
C ALA D 6 -18.17 58.29 -14.69
N GLU D 7 -17.11 58.08 -13.88
CA GLU D 7 -16.77 59.02 -12.78
C GLU D 7 -15.26 59.25 -12.74
N LEU D 8 -14.83 60.43 -12.31
CA LEU D 8 -13.38 60.76 -12.22
C LEU D 8 -12.97 60.73 -10.74
N ALA D 9 -11.95 59.94 -10.40
CA ALA D 9 -11.49 59.81 -8.99
C ALA D 9 -10.09 60.41 -8.83
N ARG D 10 -9.57 60.36 -7.60
CA ARG D 10 -8.23 60.90 -7.25
C ARG D 10 -7.44 59.73 -6.65
N PRO D 11 -6.15 59.50 -6.98
CA PRO D 11 -5.41 58.42 -6.36
C PRO D 11 -5.41 58.47 -4.83
N TRP D 12 -5.01 57.36 -4.19
CA TRP D 12 -4.95 57.30 -2.70
C TRP D 12 -6.31 57.69 -2.12
N ALA D 13 -7.38 57.14 -2.68
CA ALA D 13 -8.76 57.46 -2.21
C ALA D 13 -9.68 56.30 -2.62
N SER D 14 -10.97 56.37 -2.30
CA SER D 14 -11.87 55.22 -2.58
C SER D 14 -12.89 55.48 -3.68
N VAL D 15 -13.48 54.42 -4.25
CA VAL D 15 -14.54 54.54 -5.24
C VAL D 15 -15.60 53.50 -4.90
N LYS D 16 -16.87 53.88 -5.03
CA LYS D 16 -17.99 52.98 -4.77
C LYS D 16 -18.71 52.76 -6.11
N ILE D 17 -18.72 51.50 -6.56
CA ILE D 17 -19.36 51.15 -7.82
C ILE D 17 -20.66 50.44 -7.52
N SER D 18 -21.69 50.77 -8.28
CA SER D 18 -23.01 50.17 -8.12
C SER D 18 -23.40 49.26 -9.27
N CYS D 19 -24.29 48.32 -8.97
CA CYS D 19 -24.81 47.38 -9.97
C CYS D 19 -26.29 47.14 -9.64
N GLN D 20 -27.12 47.08 -10.68
CA GLN D 20 -28.59 46.94 -10.45
C GLN D 20 -29.09 45.65 -11.11
N ALA D 21 -29.72 44.78 -10.33
CA ALA D 21 -30.21 43.50 -10.89
C ALA D 21 -31.74 43.42 -10.76
N PHE D 22 -32.43 43.26 -11.90
CA PHE D 22 -33.91 43.09 -11.87
C PHE D 22 -34.25 41.77 -11.17
N TYR D 23 -33.45 40.73 -11.43
CA TYR D 23 -33.68 39.39 -10.84
C TYR D 23 -33.47 39.43 -9.33
N THR D 24 -34.26 38.65 -8.58
CA THR D 24 -34.14 38.63 -7.10
C THR D 24 -32.78 38.05 -6.68
N PHE D 25 -32.19 38.59 -5.61
CA PHE D 25 -30.87 38.10 -5.13
C PHE D 25 -31.07 36.85 -4.27
N ASN D 26 -31.20 35.68 -4.91
CA ASN D 26 -31.39 34.40 -4.18
C ASN D 26 -30.67 33.24 -4.88
N SER D 27 -30.18 32.26 -4.10
CA SER D 27 -29.54 31.04 -4.66
C SER D 27 -28.40 31.31 -5.63
N TYR D 28 -27.93 32.57 -5.74
CA TYR D 28 -26.89 32.86 -6.74
C TYR D 28 -26.26 34.22 -6.52
N GLY D 29 -24.95 34.24 -6.32
CA GLY D 29 -24.17 35.43 -6.04
C GLY D 29 -23.80 36.40 -7.15
N MET D 30 -23.33 37.60 -6.77
CA MET D 30 -23.05 38.66 -7.78
C MET D 30 -21.55 38.72 -8.11
N GLN D 31 -21.18 38.46 -9.36
CA GLN D 31 -19.76 38.46 -9.79
C GLN D 31 -19.18 39.87 -9.94
N TRP D 32 -17.86 40.00 -9.81
CA TRP D 32 -17.18 41.30 -10.02
C TRP D 32 -15.88 41.04 -10.79
N VAL D 33 -15.75 41.58 -12.01
CA VAL D 33 -14.56 41.30 -12.87
C VAL D 33 -13.88 42.62 -13.24
N LYS D 34 -12.54 42.67 -13.22
CA LYS D 34 -11.80 43.89 -13.60
C LYS D 34 -11.08 43.62 -14.93
N GLN D 35 -11.36 44.43 -15.96
CA GLN D 35 -10.80 44.15 -17.30
C GLN D 35 -9.55 44.99 -17.57
N ARG D 36 -8.46 44.33 -17.97
CA ARG D 36 -7.24 45.09 -18.35
C ARG D 36 -7.15 45.06 -19.88
N PRO D 37 -7.12 46.21 -20.59
CA PRO D 37 -7.13 46.21 -22.05
C PRO D 37 -5.89 45.50 -22.59
N GLY D 38 -4.73 45.74 -21.97
CA GLY D 38 -3.48 45.06 -22.38
C GLY D 38 -3.56 43.56 -22.15
N GLN D 39 -4.16 43.12 -21.05
CA GLN D 39 -4.17 41.68 -20.70
C GLN D 39 -5.57 41.07 -20.86
N GLY D 40 -6.06 40.38 -19.83
CA GLY D 40 -7.34 39.70 -19.90
C GLY D 40 -8.27 40.10 -18.78
N LEU D 41 -9.24 39.23 -18.51
CA LEU D 41 -10.24 39.49 -17.49
C LEU D 41 -9.67 38.98 -16.16
N GLU D 42 -9.97 39.68 -15.08
CA GLU D 42 -9.52 39.26 -13.76
C GLU D 42 -10.68 39.27 -12.78
N TRP D 43 -10.87 38.18 -12.06
CA TRP D 43 -11.93 38.09 -11.07
C TRP D 43 -11.52 38.82 -9.79
N ILE D 44 -12.44 39.58 -9.22
CA ILE D 44 -12.20 40.33 -7.99
C ILE D 44 -12.80 39.55 -6.83
N GLY D 45 -14.08 39.19 -6.97
CA GLY D 45 -14.75 38.46 -5.92
C GLY D 45 -16.22 38.25 -6.23
N THR D 46 -16.92 37.57 -5.33
CA THR D 46 -18.40 37.41 -5.48
C THR D 46 -19.05 37.48 -4.11
N ILE D 47 -20.23 38.03 -4.03
CA ILE D 47 -20.88 38.07 -2.76
C ILE D 47 -22.10 37.25 -3.06
N TYR D 48 -22.24 36.10 -2.36
CA TYR D 48 -23.39 35.19 -2.64
C TYR D 48 -24.55 35.51 -1.70
N PRO D 49 -25.59 36.26 -2.12
CA PRO D 49 -26.72 36.66 -1.26
C PRO D 49 -27.58 35.50 -0.75
N GLY D 50 -27.74 34.44 -1.55
CA GLY D 50 -28.65 33.34 -1.15
C GLY D 50 -28.23 32.75 0.18
N ASN D 51 -26.93 32.58 0.40
CA ASN D 51 -26.46 32.12 1.74
C ASN D 51 -25.80 33.32 2.45
N GLY D 52 -25.67 34.45 1.76
CA GLY D 52 -25.11 35.66 2.40
C GLY D 52 -23.59 35.70 2.47
N GLN D 53 -22.89 34.79 1.77
CA GLN D 53 -21.41 34.70 1.89
C GLN D 53 -20.71 35.85 1.16
N THR D 54 -19.55 36.28 1.66
CA THR D 54 -18.74 37.34 0.98
C THR D 54 -17.31 36.82 0.80
N SER D 55 -16.76 36.89 -0.42
CA SER D 55 -15.39 36.34 -0.67
C SER D 55 -14.64 37.17 -1.72
N TYR D 56 -13.31 37.18 -1.68
CA TYR D 56 -12.49 37.95 -2.64
C TYR D 56 -11.28 37.14 -3.10
N ASN D 57 -10.70 37.47 -4.25
CA ASN D 57 -9.46 36.79 -4.72
C ASN D 57 -8.32 37.27 -3.83
N GLN D 58 -7.26 36.46 -3.64
CA GLN D 58 -6.22 36.86 -2.70
C GLN D 58 -5.61 38.21 -3.09
N ARG D 59 -5.38 38.39 -4.39
CA ARG D 59 -4.91 39.66 -4.96
C ARG D 59 -5.72 40.88 -4.54
N PHE D 60 -7.03 40.71 -4.41
CA PHE D 60 -7.90 41.82 -4.01
C PHE D 60 -8.31 41.86 -2.54
N LYS D 61 -7.79 40.94 -1.73
CA LYS D 61 -8.14 40.97 -0.32
C LYS D 61 -7.42 42.19 0.26
N GLY D 62 -8.17 43.06 0.93
CA GLY D 62 -7.59 44.28 1.44
C GLY D 62 -7.73 45.44 0.47
N LYS D 63 -8.24 45.15 -0.72
CA LYS D 63 -8.44 46.19 -1.74
C LYS D 63 -9.92 46.37 -2.04
N ALA D 64 -10.60 45.26 -2.32
CA ALA D 64 -12.02 45.29 -2.64
C ALA D 64 -12.92 44.90 -1.48
N THR D 65 -14.08 45.63 -1.28
CA THR D 65 -15.07 45.27 -0.29
C THR D 65 -16.38 45.08 -1.07
N LEU D 66 -17.02 43.93 -0.88
CA LEU D 66 -18.29 43.64 -1.52
C LEU D 66 -19.45 43.69 -0.55
N THR D 67 -20.48 44.47 -0.87
CA THR D 67 -21.63 44.63 0.06
C THR D 67 -22.96 44.68 -0.70
N ALA D 68 -23.87 43.75 -0.44
CA ALA D 68 -25.21 43.78 -1.08
C ALA D 68 -26.29 43.82 0.00
N ASP D 69 -27.19 44.81 -0.06
CA ASP D 69 -28.30 44.92 0.93
C ASP D 69 -29.54 44.22 0.36
N LYS D 70 -30.66 44.21 1.10
CA LYS D 70 -31.87 43.47 0.66
C LYS D 70 -32.88 44.39 -0.02
N SER D 71 -33.44 45.36 0.71
CA SER D 71 -34.51 46.23 0.13
C SER D 71 -34.02 47.06 -1.07
N PRO D 72 -32.83 47.70 -1.08
CA PRO D 72 -32.35 48.40 -2.28
C PRO D 72 -32.13 47.43 -3.45
N SER D 73 -31.67 46.21 -3.18
CA SER D 73 -31.41 45.19 -4.24
C SER D 73 -30.36 45.70 -5.23
N THR D 74 -29.32 46.38 -4.74
CA THR D 74 -28.21 46.83 -5.62
C THR D 74 -26.89 46.31 -5.06
N ALA D 75 -25.97 45.85 -5.91
CA ALA D 75 -24.73 45.27 -5.40
C ALA D 75 -23.69 46.41 -5.48
N TYR D 76 -22.81 46.47 -4.49
CA TYR D 76 -21.79 47.51 -4.48
C TYR D 76 -20.41 46.90 -4.28
N MET D 77 -19.40 47.57 -4.82
CA MET D 77 -18.01 47.18 -4.63
C MET D 77 -17.26 48.47 -4.34
N GLN D 78 -16.41 48.44 -3.32
CA GLN D 78 -15.59 49.61 -3.02
C GLN D 78 -14.13 49.25 -3.11
N LEU D 79 -13.35 50.15 -3.70
CA LEU D 79 -11.90 49.97 -3.83
C LEU D 79 -11.29 51.16 -3.10
N ILE D 80 -10.09 51.00 -2.54
CA ILE D 80 -9.45 52.09 -1.82
C ILE D 80 -7.98 52.20 -2.19
N SER D 81 -7.33 53.29 -1.80
CA SER D 81 -5.93 53.52 -2.14
C SER D 81 -5.69 53.35 -3.63
N LEU D 82 -6.53 54.01 -4.42
CA LEU D 82 -6.48 53.88 -5.86
C LEU D 82 -5.20 54.45 -6.48
N THR D 83 -4.66 53.72 -7.45
CA THR D 83 -3.46 54.13 -8.16
C THR D 83 -3.78 53.97 -9.66
N SER D 84 -2.84 54.32 -10.53
CA SER D 84 -3.08 54.20 -11.97
C SER D 84 -3.36 52.75 -12.39
N GLU D 85 -2.81 51.79 -11.63
CA GLU D 85 -3.04 50.38 -11.90
C GLU D 85 -4.48 49.94 -11.69
N ASP D 86 -5.30 50.77 -11.04
CA ASP D 86 -6.69 50.44 -10.84
C ASP D 86 -7.59 51.01 -11.90
N SER D 87 -7.03 51.81 -12.79
CA SER D 87 -7.85 52.40 -13.84
C SER D 87 -8.20 51.22 -14.75
N ALA D 88 -9.48 50.97 -14.93
CA ALA D 88 -9.92 49.80 -15.68
C ALA D 88 -11.42 49.86 -15.78
N GLY D 89 -12.00 48.94 -16.55
CA GLY D 89 -13.44 48.84 -16.67
C GLY D 89 -13.83 47.69 -15.74
N CYS D 90 -14.78 47.95 -14.85
CA CYS D 90 -15.23 46.96 -13.88
C CYS D 90 -16.64 46.52 -14.20
N PHE D 91 -16.85 45.25 -14.33
CA PHE D 91 -18.13 44.62 -14.63
C PHE D 91 -18.66 43.81 -13.47
N CYS D 92 -19.98 43.85 -13.35
CA CYS D 92 -20.71 42.99 -12.40
C CYS D 92 -21.48 41.97 -13.26
N ALA D 93 -21.47 40.71 -12.78
CA ALA D 93 -22.16 39.61 -13.51
C ALA D 93 -23.03 38.78 -12.57
N VAL D 94 -23.92 37.94 -13.07
CA VAL D 94 -24.64 37.04 -12.12
C VAL D 94 -24.14 35.60 -12.23
N VAL D 95 -24.43 34.77 -11.23
CA VAL D 95 -24.04 33.33 -11.29
C VAL D 95 -25.11 32.50 -10.59
N PRO D 96 -25.90 31.66 -11.29
CA PRO D 96 -26.83 30.75 -10.63
C PRO D 96 -26.16 29.38 -10.48
N THR D 97 -24.84 29.31 -10.18
CA THR D 97 -24.05 28.03 -10.07
C THR D 97 -24.23 27.22 -11.35
N VAL D 98 -24.79 27.84 -12.39
CA VAL D 98 -25.07 27.11 -13.66
C VAL D 98 -24.20 27.76 -14.75
N ASP D 99 -23.95 29.07 -14.64
CA ASP D 99 -23.06 29.74 -15.62
C ASP D 99 -22.70 31.13 -15.10
N PHE D 100 -21.73 31.79 -15.74
CA PHE D 100 -21.38 33.18 -15.37
C PHE D 100 -22.37 34.06 -16.13
N ASP D 101 -23.08 33.47 -17.11
CA ASP D 101 -24.10 34.20 -17.91
C ASP D 101 -23.56 35.50 -18.50
N TYR D 102 -24.23 36.62 -18.24
CA TYR D 102 -23.83 37.91 -18.86
C TYR D 102 -23.26 38.90 -17.84
N TRP D 103 -22.61 39.95 -18.32
CA TRP D 103 -22.12 41.04 -17.42
C TRP D 103 -22.89 42.33 -17.68
N GLY D 104 -22.67 42.94 -18.85
CA GLY D 104 -23.30 44.24 -19.15
C GLY D 104 -22.25 45.32 -19.30
N GLN D 105 -22.61 46.59 -19.12
CA GLN D 105 -21.71 47.73 -19.25
C GLN D 105 -20.95 47.95 -17.95
N GLY D 106 -20.35 49.14 -17.82
CA GLY D 106 -19.56 49.47 -16.60
C GLY D 106 -18.75 50.74 -16.80
N THR D 107 -18.81 51.64 -15.80
CA THR D 107 -18.06 52.93 -15.86
C THR D 107 -16.55 52.64 -15.90
N LEU D 108 -15.83 53.28 -16.82
CA LEU D 108 -14.35 53.11 -16.88
C LEU D 108 -13.76 53.87 -15.70
N VAL D 109 -13.22 53.16 -14.71
CA VAL D 109 -12.54 53.87 -13.59
C VAL D 109 -11.36 54.61 -14.21
N THR D 110 -11.21 55.89 -13.87
CA THR D 110 -10.12 56.72 -14.46
C THR D 110 -9.44 57.48 -13.32
N VAL D 111 -8.39 56.88 -12.74
CA VAL D 111 -7.71 57.53 -11.63
C VAL D 111 -6.84 58.65 -12.21
N SER D 112 -7.12 59.91 -11.87
CA SER D 112 -6.36 61.03 -12.43
C SER D 112 -6.42 62.30 -11.58
N ASP E 1 -4.40 28.01 -6.92
CA ASP E 1 -4.92 28.71 -8.09
C ASP E 1 -4.94 27.79 -9.31
N ILE E 2 -6.03 27.83 -10.06
CA ILE E 2 -6.15 27.13 -11.33
C ILE E 2 -5.95 28.15 -12.43
N VAL E 3 -4.99 27.89 -13.31
CA VAL E 3 -4.68 28.79 -14.41
C VAL E 3 -5.21 28.19 -15.70
N MET E 4 -5.59 29.06 -16.63
CA MET E 4 -6.18 28.66 -17.90
C MET E 4 -5.28 29.15 -19.02
N SER E 5 -4.73 28.21 -19.79
CA SER E 5 -3.85 28.54 -20.90
C SER E 5 -4.64 28.65 -22.19
N GLN E 6 -4.15 29.49 -23.10
CA GLN E 6 -4.77 29.67 -24.42
C GLN E 6 -3.67 29.66 -25.47
N SER E 7 -3.88 28.86 -26.52
CA SER E 7 -2.91 28.74 -27.60
C SER E 7 -3.67 28.48 -28.89
N PRO E 8 -3.46 29.29 -29.94
CA PRO E 8 -2.54 30.44 -29.95
C PRO E 8 -3.09 31.68 -29.25
N SER E 9 -2.19 32.53 -28.77
CA SER E 9 -2.63 33.77 -28.12
C SER E 9 -3.39 34.66 -29.09
N SER E 10 -3.11 34.54 -30.38
CA SER E 10 -3.82 35.27 -31.43
C SER E 10 -3.40 34.70 -32.77
N LEU E 11 -4.31 34.76 -33.74
CA LEU E 11 -4.01 34.30 -35.09
C LEU E 11 -4.89 35.05 -36.08
N ALA E 12 -4.28 35.49 -37.18
CA ALA E 12 -4.97 36.21 -38.24
C ALA E 12 -5.37 35.23 -39.34
N VAL E 13 -6.63 35.31 -39.76
CA VAL E 13 -7.20 34.36 -40.71
C VAL E 13 -8.15 35.12 -41.64
N SER E 14 -8.35 34.55 -42.82
CA SER E 14 -9.17 35.17 -43.85
C SER E 14 -10.62 34.68 -43.73
N VAL E 15 -11.42 34.99 -44.74
CA VAL E 15 -12.84 34.62 -44.76
C VAL E 15 -12.98 33.19 -45.25
N TRP E 16 -13.97 32.48 -44.70
CA TRP E 16 -14.24 31.07 -45.00
C TRP E 16 -12.98 30.22 -44.81
N GLU E 17 -12.56 30.16 -43.56
CA GLU E 17 -11.47 29.29 -43.13
C GLU E 17 -11.80 28.76 -41.75
N LYS E 18 -11.90 27.44 -41.61
CA LYS E 18 -12.22 26.82 -40.33
C LYS E 18 -11.07 27.00 -39.35
N VAL E 19 -11.29 27.77 -38.30
CA VAL E 19 -10.28 28.02 -37.28
C VAL E 19 -10.71 27.37 -35.97
N THR E 20 -9.72 27.00 -35.17
CA THR E 20 -9.98 26.53 -33.81
C THR E 20 -9.13 27.32 -32.83
N MET E 21 -9.20 26.97 -31.56
CA MET E 21 -8.35 27.58 -30.55
C MET E 21 -8.47 26.76 -29.27
N SER E 22 -7.33 26.38 -28.72
CA SER E 22 -7.30 25.51 -27.57
C SER E 22 -7.24 26.29 -26.27
N CYS E 23 -7.88 25.74 -25.24
CA CYS E 23 -7.84 26.31 -23.89
C CYS E 23 -7.63 25.12 -22.94
N LYS E 24 -6.41 24.99 -22.44
CA LYS E 24 -6.01 23.85 -21.61
C LYS E 24 -5.93 24.29 -20.16
N SER E 25 -6.49 23.48 -19.28
CA SER E 25 -6.58 23.78 -17.86
C SER E 25 -5.46 23.11 -17.09
N SER E 26 -4.99 23.76 -16.04
CA SER E 26 -4.01 23.18 -15.14
C SER E 26 -4.60 22.14 -14.20
N GLN E 27 -5.92 21.95 -14.24
CA GLN E 27 -6.60 20.93 -13.45
C GLN E 27 -7.85 20.51 -14.22
N SER E 28 -8.17 19.22 -14.18
CA SER E 28 -9.33 18.73 -14.93
C SER E 28 -10.61 19.33 -14.38
N LEU E 29 -11.24 20.20 -15.17
CA LEU E 29 -12.46 20.86 -14.75
C LEU E 29 -13.66 19.97 -15.02
N LEU E 30 -13.60 18.72 -14.58
CA LEU E 30 -14.68 17.75 -14.76
C LEU E 30 -14.84 16.97 -13.48
N TYR E 31 -15.99 17.10 -12.84
CA TYR E 31 -16.27 16.39 -11.60
C TYR E 31 -17.14 15.17 -11.87
N SER E 32 -17.01 14.17 -10.99
CA SER E 32 -17.64 12.86 -11.18
C SER E 32 -18.98 12.73 -10.49
N ASN E 33 -19.75 13.81 -10.37
CA ASN E 33 -21.14 13.71 -9.91
C ASN E 33 -22.13 13.73 -11.06
N THR E 34 -21.94 14.66 -12.00
CA THR E 34 -22.79 14.80 -13.16
C THR E 34 -22.05 14.64 -14.47
N GLN E 35 -20.72 14.62 -14.44
CA GLN E 35 -19.90 14.56 -15.64
C GLN E 35 -20.24 15.71 -16.59
N LYS E 36 -20.04 16.92 -16.08
CA LYS E 36 -20.28 18.15 -16.84
C LYS E 36 -19.08 19.07 -16.63
N ASN E 37 -18.30 19.27 -17.68
CA ASN E 37 -17.12 20.13 -17.58
C ASN E 37 -17.51 21.53 -17.15
N TYR E 38 -16.68 22.14 -16.31
CA TYR E 38 -16.90 23.49 -15.82
C TYR E 38 -16.01 24.44 -16.60
N LEU E 39 -16.49 24.84 -17.78
CA LEU E 39 -15.74 25.72 -18.66
C LEU E 39 -16.69 26.64 -19.40
N ALA E 40 -16.31 27.91 -19.52
CA ALA E 40 -17.12 28.92 -20.20
C ALA E 40 -16.29 29.58 -21.30
N TRP E 41 -16.94 29.85 -22.43
CA TRP E 41 -16.32 30.49 -23.58
C TRP E 41 -16.98 31.84 -23.83
N TYR E 42 -16.17 32.85 -24.13
CA TYR E 42 -16.65 34.22 -24.15
C TYR E 42 -16.06 35.00 -25.32
N GLN E 43 -16.91 35.80 -25.96
CA GLN E 43 -16.53 36.66 -27.07
C GLN E 43 -16.64 38.11 -26.64
N GLN E 44 -15.49 38.80 -26.63
CA GLN E 44 -15.45 40.24 -26.30
C GLN E 44 -15.22 41.01 -27.60
N LYS E 45 -16.29 41.52 -28.22
CA LYS E 45 -16.18 42.24 -29.48
C LYS E 45 -15.25 43.43 -29.32
N PRO E 46 -14.58 43.85 -30.40
CA PRO E 46 -13.67 45.00 -30.31
C PRO E 46 -14.33 46.23 -29.71
N GLY E 47 -13.84 46.64 -28.54
CA GLY E 47 -14.45 47.75 -27.83
C GLY E 47 -15.86 47.46 -27.36
N GLN E 48 -16.08 46.27 -26.81
CA GLN E 48 -17.42 45.88 -26.36
C GLN E 48 -17.30 44.98 -25.14
N SER E 49 -18.41 44.88 -24.41
CA SER E 49 -18.51 43.97 -23.28
C SER E 49 -18.68 42.53 -23.76
N PRO E 50 -18.07 41.56 -23.08
CA PRO E 50 -18.13 40.19 -23.58
C PRO E 50 -19.52 39.60 -23.43
N LYS E 51 -19.76 38.53 -24.21
CA LYS E 51 -21.02 37.79 -24.19
C LYS E 51 -20.72 36.30 -24.14
N LEU E 52 -21.73 35.53 -23.79
CA LEU E 52 -21.56 34.09 -23.64
C LEU E 52 -21.51 33.39 -24.99
N LEU E 53 -20.65 32.39 -25.09
CA LEU E 53 -20.56 31.53 -26.27
C LEU E 53 -20.97 30.10 -25.99
N ILE E 54 -20.37 29.48 -24.97
CA ILE E 54 -20.62 28.07 -24.66
C ILE E 54 -20.57 27.88 -23.15
N TYR E 55 -21.66 27.39 -22.56
CA TYR E 55 -21.68 27.07 -21.15
C TYR E 55 -21.79 25.56 -20.96
N TRP E 56 -21.35 25.10 -19.79
CA TRP E 56 -21.10 23.69 -19.51
C TRP E 56 -20.06 23.10 -20.45
N ALA E 57 -19.32 23.96 -21.16
CA ALA E 57 -18.35 23.58 -22.19
C ALA E 57 -18.96 22.75 -23.32
N SER E 58 -20.29 22.65 -23.38
CA SER E 58 -20.93 21.82 -24.40
C SER E 58 -22.14 22.46 -25.08
N THR E 59 -22.81 23.42 -24.47
CA THR E 59 -24.11 23.89 -24.95
C THR E 59 -24.04 25.31 -25.47
N ARG E 60 -24.81 25.59 -26.51
CA ARG E 60 -24.84 26.88 -27.16
C ARG E 60 -25.83 27.82 -26.46
N GLU E 61 -25.75 29.09 -26.82
CA GLU E 61 -26.69 30.11 -26.37
C GLU E 61 -27.53 30.58 -27.56
N SER E 62 -28.56 31.36 -27.26
CA SER E 62 -29.44 31.87 -28.30
C SER E 62 -28.76 32.99 -29.07
N GLY E 63 -29.11 33.11 -30.34
CA GLY E 63 -28.45 34.07 -31.20
C GLY E 63 -26.98 33.78 -31.41
N VAL E 64 -26.62 32.49 -31.48
CA VAL E 64 -25.23 32.08 -31.64
C VAL E 64 -25.17 30.99 -32.71
N PRO E 65 -24.22 31.07 -33.64
CA PRO E 65 -24.20 30.11 -34.76
C PRO E 65 -23.47 28.82 -34.43
N ASP E 66 -23.48 27.88 -35.37
CA ASP E 66 -22.74 26.63 -35.23
C ASP E 66 -21.26 26.80 -35.51
N ARG E 67 -20.83 27.99 -35.93
CA ARG E 67 -19.41 28.31 -35.97
C ARG E 67 -18.85 28.63 -34.60
N PHE E 68 -19.66 28.49 -33.55
CA PHE E 68 -19.22 28.53 -32.16
C PHE E 68 -19.72 27.27 -31.49
N THR E 69 -18.82 26.33 -31.23
CA THR E 69 -19.20 25.05 -30.61
C THR E 69 -18.13 24.63 -29.63
N GLY E 70 -18.54 24.36 -28.40
CA GLY E 70 -17.63 23.79 -27.42
C GLY E 70 -17.27 22.36 -27.76
N SER E 71 -16.08 21.95 -27.33
CA SER E 71 -15.56 20.64 -27.68
C SER E 71 -14.40 20.30 -26.77
N GLY E 72 -14.47 19.13 -26.15
CA GLY E 72 -13.39 18.62 -25.32
C GLY E 72 -13.94 18.06 -24.02
N SER E 73 -13.03 17.81 -23.09
CA SER E 73 -13.33 17.24 -21.79
C SER E 73 -12.06 17.33 -20.96
N GLY E 74 -12.15 16.85 -19.71
CA GLY E 74 -10.99 16.76 -18.86
C GLY E 74 -10.29 18.07 -18.60
N THR E 75 -9.11 18.25 -19.21
CA THR E 75 -8.32 19.45 -19.00
C THR E 75 -7.88 20.11 -20.31
N ASP E 76 -8.41 19.67 -21.45
CA ASP E 76 -8.05 20.26 -22.74
C ASP E 76 -9.31 20.44 -23.56
N PHE E 77 -9.46 21.63 -24.15
CA PHE E 77 -10.68 22.00 -24.85
C PHE E 77 -10.34 22.82 -26.08
N THR E 78 -11.34 23.03 -26.92
CA THR E 78 -11.19 23.90 -28.08
C THR E 78 -12.58 24.31 -28.56
N LEU E 79 -12.62 25.39 -29.32
CA LEU E 79 -13.88 25.95 -29.85
C LEU E 79 -13.80 25.96 -31.36
N THR E 80 -14.41 24.96 -32.00
CA THR E 80 -14.38 24.87 -33.44
C THR E 80 -15.16 26.02 -34.08
N ILE E 81 -14.50 26.75 -34.96
CA ILE E 81 -15.14 27.78 -35.78
C ILE E 81 -15.17 27.26 -37.21
N SER E 82 -16.37 26.86 -37.66
CA SER E 82 -16.49 26.12 -38.91
C SER E 82 -16.39 27.03 -40.13
N SER E 83 -17.31 27.99 -40.23
CA SER E 83 -17.35 28.91 -41.37
C SER E 83 -17.26 30.33 -40.81
N VAL E 84 -16.06 30.90 -40.86
CA VAL E 84 -15.84 32.22 -40.28
C VAL E 84 -16.55 33.28 -41.11
N LYS E 85 -17.02 34.33 -40.43
CA LYS E 85 -17.69 35.45 -41.07
C LYS E 85 -17.10 36.76 -40.58
N ALA E 86 -17.75 37.88 -40.91
CA ALA E 86 -17.25 39.20 -40.58
C ALA E 86 -17.64 39.65 -39.18
N GLU E 87 -18.02 38.72 -38.30
CA GLU E 87 -18.37 39.04 -36.92
C GLU E 87 -17.54 38.24 -35.92
N ASP E 88 -16.45 37.61 -36.36
CA ASP E 88 -15.61 36.82 -35.47
C ASP E 88 -14.32 37.51 -35.10
N LEU E 89 -13.95 38.60 -35.79
CA LEU E 89 -12.74 39.35 -35.46
C LEU E 89 -12.95 40.02 -34.11
N ALA E 90 -12.34 39.44 -33.08
CA ALA E 90 -12.50 39.90 -31.70
C ALA E 90 -11.49 39.13 -30.85
N VAL E 91 -11.56 39.34 -29.54
CA VAL E 91 -10.76 38.59 -28.57
C VAL E 91 -11.69 37.66 -27.82
N TYR E 92 -11.25 36.41 -27.62
CA TYR E 92 -12.05 35.40 -26.95
C TYR E 92 -11.33 34.93 -25.69
N TYR E 93 -12.08 34.80 -24.60
CA TYR E 93 -11.54 34.39 -23.32
C TYR E 93 -12.29 33.18 -22.80
N CYS E 94 -11.56 32.12 -22.44
CA CYS E 94 -12.15 30.98 -21.77
C CYS E 94 -12.10 31.17 -20.26
N GLN E 95 -12.90 30.39 -19.55
CA GLN E 95 -13.05 30.56 -18.11
C GLN E 95 -13.56 29.26 -17.51
N GLN E 96 -13.28 29.09 -16.22
CA GLN E 96 -13.60 27.86 -15.51
C GLN E 96 -14.51 28.15 -14.33
N TYR E 97 -15.45 27.24 -14.08
CA TYR E 97 -16.38 27.36 -12.96
C TYR E 97 -15.91 26.61 -11.72
N TYR E 98 -14.73 26.01 -11.73
CA TYR E 98 -14.44 24.97 -10.74
C TYR E 98 -13.80 25.53 -9.47
N SER E 99 -12.62 26.12 -9.59
CA SER E 99 -11.95 26.67 -8.42
C SER E 99 -12.46 28.07 -8.15
N TYR E 100 -12.66 28.38 -6.88
CA TYR E 100 -13.32 29.63 -6.52
C TYR E 100 -12.63 30.88 -7.07
N PRO E 101 -11.27 31.01 -7.12
CA PRO E 101 -10.65 32.14 -7.83
C PRO E 101 -11.01 31.87 -9.29
N LEU E 102 -12.03 32.55 -9.83
CA LEU E 102 -12.52 32.25 -11.20
C LEU E 102 -11.64 32.98 -12.22
N THR E 103 -10.40 32.52 -12.40
CA THR E 103 -9.47 33.15 -13.37
C THR E 103 -9.92 32.85 -14.80
N PHE E 104 -9.69 33.78 -15.73
CA PHE E 104 -10.03 33.54 -17.15
C PHE E 104 -8.75 33.07 -17.87
N GLY E 105 -8.85 32.70 -19.15
CA GLY E 105 -7.67 32.30 -19.88
C GLY E 105 -6.82 33.45 -20.37
N ALA E 106 -5.74 33.13 -21.11
CA ALA E 106 -4.87 34.16 -21.65
C ALA E 106 -5.64 35.12 -22.55
N GLY E 107 -6.42 34.57 -23.48
CA GLY E 107 -7.21 35.39 -24.36
C GLY E 107 -6.74 35.34 -25.80
N THR E 108 -7.44 34.57 -26.62
CA THR E 108 -7.12 34.50 -28.04
C THR E 108 -7.74 35.69 -28.77
N LYS E 109 -6.93 36.35 -29.58
CA LYS E 109 -7.38 37.50 -30.38
C LYS E 109 -7.49 37.03 -31.82
N LEU E 110 -8.68 36.57 -32.19
CA LEU E 110 -8.94 36.16 -33.56
C LEU E 110 -8.88 37.39 -34.45
N GLU E 111 -7.83 37.51 -35.23
CA GLU E 111 -7.58 38.69 -36.04
C GLU E 111 -8.12 38.51 -37.45
N LEU E 112 -8.44 39.62 -38.09
CA LEU E 112 -8.97 39.64 -39.45
C LEU E 112 -7.85 39.95 -40.43
N LYS E 113 -7.75 39.16 -41.48
CA LYS E 113 -6.76 39.37 -42.53
C LYS E 113 -7.48 39.74 -43.81
N ARG E 114 -7.15 40.91 -44.37
CA ARG E 114 -7.79 41.41 -45.57
C ARG E 114 -6.90 41.14 -46.79
N ALA E 115 -7.29 41.69 -47.93
CA ALA E 115 -6.50 41.53 -49.15
C ALA E 115 -5.18 42.31 -49.06
#